data_367D
# 
_entry.id   367D 
# 
_audit_conform.dict_name       mmcif_pdbx.dic 
_audit_conform.dict_version    5.383 
_audit_conform.dict_location   http://mmcif.pdb.org/dictionaries/ascii/mmcif_pdbx.dic 
# 
loop_
_database_2.database_id 
_database_2.database_code 
_database_2.pdbx_database_accession 
_database_2.pdbx_DOI 
PDB   367D         pdb_0000367d 10.2210/pdb367d/pdb 
NDB   DDF074       ?            ?                   
RCSB  RCSB001523   ?            ?                   
WWPDB D_1000001523 ?            ?                   
# 
loop_
_pdbx_audit_revision_history.ordinal 
_pdbx_audit_revision_history.data_content_type 
_pdbx_audit_revision_history.major_revision 
_pdbx_audit_revision_history.minor_revision 
_pdbx_audit_revision_history.revision_date 
1 'Structure model' 1 0 2003-03-04 
2 'Structure model' 1 1 2007-10-16 
3 'Structure model' 1 2 2011-07-13 
4 'Structure model' 1 3 2017-10-04 
5 'Structure model' 1 4 2023-12-27 
# 
_pdbx_audit_revision_details.ordinal             1 
_pdbx_audit_revision_details.revision_ordinal    1 
_pdbx_audit_revision_details.data_content_type   'Structure model' 
_pdbx_audit_revision_details.provider            repository 
_pdbx_audit_revision_details.type                'Initial release' 
_pdbx_audit_revision_details.description         ? 
_pdbx_audit_revision_details.details             ? 
# 
loop_
_pdbx_audit_revision_group.ordinal 
_pdbx_audit_revision_group.revision_ordinal 
_pdbx_audit_revision_group.data_content_type 
_pdbx_audit_revision_group.group 
1 2 'Structure model' 'Version format compliance' 
2 3 'Structure model' 'Version format compliance' 
3 4 'Structure model' 'Refinement description'    
4 5 'Structure model' 'Data collection'           
5 5 'Structure model' 'Database references'       
6 5 'Structure model' 'Derived calculations'      
# 
loop_
_pdbx_audit_revision_category.ordinal 
_pdbx_audit_revision_category.revision_ordinal 
_pdbx_audit_revision_category.data_content_type 
_pdbx_audit_revision_category.category 
1 4 'Structure model' software       
2 5 'Structure model' chem_comp_atom 
3 5 'Structure model' chem_comp_bond 
4 5 'Structure model' database_2     
5 5 'Structure model' struct_conn    
6 5 'Structure model' struct_site    
# 
loop_
_pdbx_audit_revision_item.ordinal 
_pdbx_audit_revision_item.revision_ordinal 
_pdbx_audit_revision_item.data_content_type 
_pdbx_audit_revision_item.item 
1  4 'Structure model' '_software.name'                      
2  5 'Structure model' '_database_2.pdbx_DOI'                
3  5 'Structure model' '_database_2.pdbx_database_accession' 
4  5 'Structure model' '_struct_conn.pdbx_leaving_atom_flag' 
5  5 'Structure model' '_struct_conn.ptnr1_auth_comp_id'     
6  5 'Structure model' '_struct_conn.ptnr1_auth_seq_id'      
7  5 'Structure model' '_struct_conn.ptnr1_label_asym_id'    
8  5 'Structure model' '_struct_conn.ptnr1_label_atom_id'    
9  5 'Structure model' '_struct_conn.ptnr1_label_comp_id'    
10 5 'Structure model' '_struct_conn.ptnr1_label_seq_id'     
11 5 'Structure model' '_struct_conn.ptnr2_auth_comp_id'     
12 5 'Structure model' '_struct_conn.ptnr2_auth_seq_id'      
13 5 'Structure model' '_struct_conn.ptnr2_label_asym_id'    
14 5 'Structure model' '_struct_conn.ptnr2_label_atom_id'    
15 5 'Structure model' '_struct_conn.ptnr2_label_comp_id'    
16 5 'Structure model' '_struct_conn.ptnr2_label_seq_id'     
17 5 'Structure model' '_struct_site.pdbx_auth_asym_id'      
18 5 'Structure model' '_struct_site.pdbx_auth_comp_id'      
19 5 'Structure model' '_struct_site.pdbx_auth_seq_id'       
# 
_pdbx_database_status.status_code                     REL 
_pdbx_database_status.entry_id                        367D 
_pdbx_database_status.recvd_initial_deposition_date   1997-12-19 
_pdbx_database_status.deposit_site                    RCSB 
_pdbx_database_status.process_site                    RCSB 
_pdbx_database_status.SG_entry                        . 
_pdbx_database_status.pdb_format_compatible           Y 
_pdbx_database_status.status_code_mr                  ? 
_pdbx_database_status.status_code_sf                  ? 
_pdbx_database_status.status_code_cs                  ? 
_pdbx_database_status.methods_development_category    ? 
_pdbx_database_status.status_code_nmr_data            ? 
# 
loop_
_audit_author.name 
_audit_author.pdbx_ordinal 
'Todd, A.K.'   1 
'Adams, A.'    2 
'Thorpe, J.H.' 3 
'Denny, W.A.'  4 
'Cardin, C.J.' 5 
# 
_citation.id                        primary 
_citation.title                     
;Major groove binding and 'DNA-induced' fit in the intercalation of a derivative of the mixed topoisomerase I/II poison N-(2-(dimethlyamino)ethyl)acridine-4-carboxamide (DACA) into DNA: X-ray structure complexed to d(CG(5Br-U)ACG)2 at 1.3-angstrom resolution
;
_citation.journal_abbrev            J.Med.Chem. 
_citation.journal_volume            42 
_citation.page_first                536 
_citation.page_last                 540 
_citation.year                      1999 
_citation.journal_id_ASTM           JMCMAR 
_citation.country                   US 
_citation.journal_id_ISSN           0022-2623 
_citation.journal_id_CSD            0151 
_citation.book_publisher            ? 
_citation.pdbx_database_id_PubMed   10052960 
_citation.pdbx_database_id_DOI      10.1021/jm980479u 
# 
loop_
_citation_author.citation_id 
_citation_author.name 
_citation_author.ordinal 
_citation_author.identifier_ORCID 
primary 'Todd, A.K.'      1 ? 
primary 'Adams, A.'       2 ? 
primary 'Thorpe, J.H.'    3 ? 
primary 'Denny, W.A.'     4 ? 
primary 'Wakelin, L.P.G.' 5 ? 
primary 'Cardin, C.J.'    6 ? 
# 
loop_
_entity.id 
_entity.type 
_entity.src_method 
_entity.pdbx_description 
_entity.formula_weight 
_entity.pdbx_number_of_molecules 
_entity.pdbx_ec 
_entity.pdbx_mutation 
_entity.pdbx_fragment 
_entity.details 
1 polymer     man "5'-D(*CP*GP*(BRU)P*AP*CP*G)-3'"                               1795.191 2   ? ? ? ? 
2 non-polymer syn '5-BROMO-9-AMINO-N-ETHYL(DIAMINOMETHYL)ACRIDINE-4-CARBOXAMIDE' 389.290  3   ? ? ? ? 
3 non-polymer syn 'BROMIDE ION'                                                  79.904   2   ? ? ? ? 
4 water       nat water                                                          18.015   113 ? ? ? ? 
# 
_entity_poly.entity_id                      1 
_entity_poly.type                           polydeoxyribonucleotide 
_entity_poly.nstd_linkage                   no 
_entity_poly.nstd_monomer                   no 
_entity_poly.pdbx_seq_one_letter_code       '(DC)(DG)(DU)(DA)(DC)(DG)' 
_entity_poly.pdbx_seq_one_letter_code_can   CGUACG 
_entity_poly.pdbx_strand_id                 A,B 
_entity_poly.pdbx_target_identifier         ? 
# 
loop_
_pdbx_entity_nonpoly.entity_id 
_pdbx_entity_nonpoly.name 
_pdbx_entity_nonpoly.comp_id 
2 '5-BROMO-9-AMINO-N-ETHYL(DIAMINOMETHYL)ACRIDINE-4-CARBOXAMIDE' DA5 
3 'BROMIDE ION'                                                  BR  
4 water                                                          HOH 
# 
loop_
_entity_poly_seq.entity_id 
_entity_poly_seq.num 
_entity_poly_seq.mon_id 
_entity_poly_seq.hetero 
1 1 DC n 
1 2 DG n 
1 3 DU n 
1 4 DA n 
1 5 DC n 
1 6 DG n 
# 
loop_
_chem_comp.id 
_chem_comp.type 
_chem_comp.mon_nstd_flag 
_chem_comp.name 
_chem_comp.pdbx_synonyms 
_chem_comp.formula 
_chem_comp.formula_weight 
BR  non-polymer   . 'BROMIDE ION'                                                  ?        'Br -1'             79.904  
DA  'DNA linking' y "2'-DEOXYADENOSINE-5'-MONOPHOSPHATE"                           ?        'C10 H14 N5 O6 P'   331.222 
DA5 non-polymer   . '5-BROMO-9-AMINO-N-ETHYL(DIAMINOMETHYL)ACRIDINE-4-CARBOXAMIDE' 5BR20686 'C18 H21 Br N4 O 2' 389.290 
DC  'DNA linking' y "2'-DEOXYCYTIDINE-5'-MONOPHOSPHATE"                            ?        'C9 H14 N3 O7 P'    307.197 
DG  'DNA linking' y "2'-DEOXYGUANOSINE-5'-MONOPHOSPHATE"                           ?        'C10 H14 N5 O7 P'   347.221 
DU  'DNA linking' y "2'-DEOXYURIDINE-5'-MONOPHOSPHATE"                             ?        'C9 H13 N2 O8 P'    308.182 
HOH non-polymer   . WATER                                                          ?        'H2 O'              18.015  
# 
loop_
_pdbx_poly_seq_scheme.asym_id 
_pdbx_poly_seq_scheme.entity_id 
_pdbx_poly_seq_scheme.seq_id 
_pdbx_poly_seq_scheme.mon_id 
_pdbx_poly_seq_scheme.ndb_seq_num 
_pdbx_poly_seq_scheme.pdb_seq_num 
_pdbx_poly_seq_scheme.auth_seq_num 
_pdbx_poly_seq_scheme.pdb_mon_id 
_pdbx_poly_seq_scheme.auth_mon_id 
_pdbx_poly_seq_scheme.pdb_strand_id 
_pdbx_poly_seq_scheme.pdb_ins_code 
_pdbx_poly_seq_scheme.hetero 
A 1 1 DC 1 1  1  DC C A . n 
A 1 2 DG 2 2  2  DG G A . n 
A 1 3 DU 3 3  3  DU U A . n 
A 1 4 DA 4 4  4  DA A A . n 
A 1 5 DC 5 5  5  DC C A . n 
A 1 6 DG 6 6  6  DG G A . n 
B 1 1 DC 1 7  7  DC C B . n 
B 1 2 DG 2 8  8  DG G B . n 
B 1 3 DU 3 9  9  DU U B . n 
B 1 4 DA 4 10 10 DA A B . n 
B 1 5 DC 5 11 11 DC C B . n 
B 1 6 DG 6 12 12 DG G B . n 
# 
loop_
_pdbx_nonpoly_scheme.asym_id 
_pdbx_nonpoly_scheme.entity_id 
_pdbx_nonpoly_scheme.mon_id 
_pdbx_nonpoly_scheme.ndb_seq_num 
_pdbx_nonpoly_scheme.pdb_seq_num 
_pdbx_nonpoly_scheme.auth_seq_num 
_pdbx_nonpoly_scheme.pdb_mon_id 
_pdbx_nonpoly_scheme.auth_mon_id 
_pdbx_nonpoly_scheme.pdb_strand_id 
_pdbx_nonpoly_scheme.pdb_ins_code 
C 2 DA5 1  14  14  DA5 DA5 A . 
D 3 BR  1  15  3   BR  BRO A . 
E 2 DA5 1  13  13  DA5 DA5 B . 
F 2 DA5 1  15  15  DA5 DA5 B . 
G 3 BR  1  16  9   BR  BRO B . 
H 4 HOH 1  17  17  HOH HOH A . 
H 4 HOH 2  18  18  HOH HOH A . 
H 4 HOH 3  19  19  HOH HOH A . 
H 4 HOH 4  20  20  HOH HOH A . 
H 4 HOH 5  24  24  HOH HOH A . 
H 4 HOH 6  26  26  HOH HOH A . 
H 4 HOH 7  27  27  HOH HOH A . 
H 4 HOH 8  29  29  HOH HOH A . 
H 4 HOH 9  31  31  HOH HOH A . 
H 4 HOH 10 32  32  HOH HOH A . 
H 4 HOH 11 33  33  HOH HOH A . 
H 4 HOH 12 34  34  HOH HOH A . 
H 4 HOH 13 37  37  HOH HOH A . 
H 4 HOH 14 38  38  HOH HOH A . 
H 4 HOH 15 39  39  HOH HOH A . 
H 4 HOH 16 45  45  HOH HOH A . 
H 4 HOH 17 47  47  HOH HOH A . 
H 4 HOH 18 48  48  HOH HOH A . 
H 4 HOH 19 49  49  HOH HOH A . 
H 4 HOH 20 50  50  HOH HOH A . 
H 4 HOH 21 51  51  HOH HOH A . 
H 4 HOH 22 53  53  HOH HOH A . 
H 4 HOH 23 54  54  HOH HOH A . 
H 4 HOH 24 58  58  HOH HOH A . 
H 4 HOH 25 59  59  HOH HOH A . 
H 4 HOH 26 62  62  HOH HOH A . 
H 4 HOH 27 63  63  HOH HOH A . 
H 4 HOH 28 64  64  HOH HOH A . 
H 4 HOH 29 66  66  HOH HOH A . 
H 4 HOH 30 72  72  HOH HOH A . 
H 4 HOH 31 74  74  HOH HOH A . 
H 4 HOH 32 75  75  HOH HOH A . 
H 4 HOH 33 76  76  HOH HOH A . 
H 4 HOH 34 77  77  HOH HOH A . 
H 4 HOH 35 82  82  HOH HOH A . 
H 4 HOH 36 84  84  HOH HOH A . 
H 4 HOH 37 85  85  HOH HOH A . 
H 4 HOH 38 86  86  HOH HOH A . 
H 4 HOH 39 87  87  HOH HOH A . 
H 4 HOH 40 90  90  HOH HOH A . 
H 4 HOH 41 92  92  HOH HOH A . 
H 4 HOH 42 93  93  HOH HOH A . 
H 4 HOH 43 94  94  HOH HOH A . 
H 4 HOH 44 95  95  HOH HOH A . 
H 4 HOH 45 97  97  HOH HOH A . 
H 4 HOH 46 98  98  HOH HOH A . 
H 4 HOH 47 100 100 HOH HOH A . 
H 4 HOH 48 101 101 HOH HOH A . 
H 4 HOH 49 106 106 HOH HOH A . 
H 4 HOH 50 108 108 HOH HOH A . 
H 4 HOH 51 111 111 HOH HOH A . 
H 4 HOH 52 112 112 HOH HOH A . 
H 4 HOH 53 113 113 HOH HOH A . 
H 4 HOH 54 114 114 HOH HOH A . 
H 4 HOH 55 116 116 HOH HOH A . 
H 4 HOH 56 118 118 HOH HOH A . 
H 4 HOH 57 119 119 HOH HOH A . 
H 4 HOH 58 122 122 HOH HOH A . 
H 4 HOH 59 124 124 HOH HOH A . 
H 4 HOH 60 125 125 HOH HOH A . 
H 4 HOH 61 126 126 HOH HOH A . 
I 4 HOH 1  17  16  HOH HOH B . 
I 4 HOH 2  18  21  HOH HOH B . 
I 4 HOH 3  19  22  HOH HOH B . 
I 4 HOH 4  20  23  HOH HOH B . 
I 4 HOH 5  21  25  HOH HOH B . 
I 4 HOH 6  22  28  HOH HOH B . 
I 4 HOH 7  23  30  HOH HOH B . 
I 4 HOH 8  24  35  HOH HOH B . 
I 4 HOH 9  25  36  HOH HOH B . 
I 4 HOH 10 26  40  HOH HOH B . 
I 4 HOH 11 27  41  HOH HOH B . 
I 4 HOH 12 28  42  HOH HOH B . 
I 4 HOH 13 29  43  HOH HOH B . 
I 4 HOH 14 30  44  HOH HOH B . 
I 4 HOH 15 31  46  HOH HOH B . 
I 4 HOH 16 32  52  HOH HOH B . 
I 4 HOH 17 33  55  HOH HOH B . 
I 4 HOH 18 34  56  HOH HOH B . 
I 4 HOH 19 35  57  HOH HOH B . 
I 4 HOH 20 36  60  HOH HOH B . 
I 4 HOH 21 37  61  HOH HOH B . 
I 4 HOH 22 38  65  HOH HOH B . 
I 4 HOH 23 39  67  HOH HOH B . 
I 4 HOH 24 40  68  HOH HOH B . 
I 4 HOH 25 41  69  HOH HOH B . 
I 4 HOH 26 42  70  HOH HOH B . 
I 4 HOH 27 43  71  HOH HOH B . 
I 4 HOH 28 44  73  HOH HOH B . 
I 4 HOH 29 45  78  HOH HOH B . 
I 4 HOH 30 46  79  HOH HOH B . 
I 4 HOH 31 47  80  HOH HOH B . 
I 4 HOH 32 48  81  HOH HOH B . 
I 4 HOH 33 49  83  HOH HOH B . 
I 4 HOH 34 50  88  HOH HOH B . 
I 4 HOH 35 51  89  HOH HOH B . 
I 4 HOH 36 52  91  HOH HOH B . 
I 4 HOH 37 53  96  HOH HOH B . 
I 4 HOH 38 54  99  HOH HOH B . 
I 4 HOH 39 55  102 HOH HOH B . 
I 4 HOH 40 56  103 HOH HOH B . 
I 4 HOH 41 57  104 HOH HOH B . 
I 4 HOH 42 58  105 HOH HOH B . 
I 4 HOH 43 59  107 HOH HOH B . 
I 4 HOH 44 60  109 HOH HOH B . 
I 4 HOH 45 61  110 HOH HOH B . 
I 4 HOH 46 62  115 HOH HOH B . 
I 4 HOH 47 63  117 HOH HOH B . 
I 4 HOH 48 64  120 HOH HOH B . 
I 4 HOH 49 65  121 HOH HOH B . 
I 4 HOH 50 66  123 HOH HOH B . 
I 4 HOH 51 67  127 HOH HOH B . 
I 4 HOH 52 68  128 HOH HOH B . 
# 
loop_
_pdbx_unobs_or_zero_occ_atoms.id 
_pdbx_unobs_or_zero_occ_atoms.PDB_model_num 
_pdbx_unobs_or_zero_occ_atoms.polymer_flag 
_pdbx_unobs_or_zero_occ_atoms.occupancy_flag 
_pdbx_unobs_or_zero_occ_atoms.auth_asym_id 
_pdbx_unobs_or_zero_occ_atoms.auth_comp_id 
_pdbx_unobs_or_zero_occ_atoms.auth_seq_id 
_pdbx_unobs_or_zero_occ_atoms.PDB_ins_code 
_pdbx_unobs_or_zero_occ_atoms.auth_atom_id 
_pdbx_unobs_or_zero_occ_atoms.label_alt_id 
_pdbx_unobs_or_zero_occ_atoms.label_asym_id 
_pdbx_unobs_or_zero_occ_atoms.label_comp_id 
_pdbx_unobs_or_zero_occ_atoms.label_seq_id 
_pdbx_unobs_or_zero_occ_atoms.label_atom_id 
1 1 N 1 B DA5 15 ? N9  ? F DA5 1 N9  
2 1 N 1 B DA5 15 ? CD1 ? F DA5 1 CD1 
3 1 N 1 B DA5 15 ? OD1 ? F DA5 1 OD1 
4 1 N 1 B DA5 15 ? ND1 ? F DA5 1 ND1 
5 1 N 1 B DA5 15 ? CD2 ? F DA5 1 CD2 
6 1 N 1 B DA5 15 ? CD3 ? F DA5 1 CD3 
7 1 N 1 B DA5 15 ? ND2 ? F DA5 1 ND2 
8 1 N 1 B DA5 15 ? CD7 ? F DA5 1 CD7 
9 1 N 1 B DA5 15 ? CD8 ? F DA5 1 CD8 
# 
loop_
_software.name 
_software.classification 
_software.version 
_software.citation_id 
_software.pdbx_ordinal 
DENZO     'data reduction' . ? 1 
SCALEPACK 'data scaling'   . ? 2 
SHELXL    refinement       . ? 3 
# 
_cell.entry_id           367D 
_cell.length_a           30.096 
_cell.length_b           30.096 
_cell.length_c           39.547 
_cell.angle_alpha        90.00 
_cell.angle_beta         90.00 
_cell.angle_gamma        120.00 
_cell.Z_PDB              6 
_cell.pdbx_unique_axis   ? 
# 
_symmetry.entry_id                         367D 
_symmetry.space_group_name_H-M             'P 31' 
_symmetry.pdbx_full_space_group_name_H-M   ? 
_symmetry.cell_setting                     ? 
_symmetry.Int_Tables_number                144 
# 
_exptl.entry_id          367D 
_exptl.method            'X-RAY DIFFRACTION' 
_exptl.crystals_number   1 
# 
_exptl_crystal.id                    1 
_exptl_crystal.density_meas          ? 
_exptl_crystal.density_Matthews      2.73 
_exptl_crystal.density_percent_sol   54.0000 
_exptl_crystal.description           ? 
# 
_exptl_crystal_grow.crystal_id      1 
_exptl_crystal_grow.method          ? 
_exptl_crystal_grow.temp            ? 
_exptl_crystal_grow.temp_details    ? 
_exptl_crystal_grow.pH              6.50 
_exptl_crystal_grow.pdbx_details    'pH 6.50' 
_exptl_crystal_grow.pdbx_pH_range   . 
# 
loop_
_exptl_crystal_grow_comp.crystal_id 
_exptl_crystal_grow_comp.id 
_exptl_crystal_grow_comp.sol_id 
_exptl_crystal_grow_comp.name 
_exptl_crystal_grow_comp.volume 
_exptl_crystal_grow_comp.conc 
_exptl_crystal_grow_comp.details 
1 1 1 WATER      1  2  3  
1 2 1 CACODYLATE 4  5  6  
1 3 1 MG2+       7  8  9  
1 4 1 SPERMINE   10 11 12 
1 5 1 MPD        13 14 15 
# 
_diffrn.id                     1 
_diffrn.ambient_temp           100.00 
_diffrn.ambient_temp_details   ? 
_diffrn.crystal_id             1 
# 
_diffrn_detector.diffrn_id              1 
_diffrn_detector.detector               'IMAGE PLATE' 
_diffrn_detector.type                   MARRESEARCH 
_diffrn_detector.pdbx_collection_date   1997-04-20 
_diffrn_detector.details                MIRRORS 
# 
_diffrn_radiation.diffrn_id                        1 
_diffrn_radiation.wavelength_id                    1 
_diffrn_radiation.pdbx_monochromatic_or_laue_m_l   M 
_diffrn_radiation.monochromator                    'SI 111 CRYSTAL' 
_diffrn_radiation.pdbx_diffrn_protocol             'SINGLE WAVELENGTH' 
_diffrn_radiation.pdbx_scattering_type             x-ray 
# 
_diffrn_radiation_wavelength.id           1 
_diffrn_radiation_wavelength.wavelength   . 
_diffrn_radiation_wavelength.wt           1.0 
# 
_diffrn_source.diffrn_id                   1 
_diffrn_source.source                      SYNCHROTRON 
_diffrn_source.type                        'ELETTRA BEAMLINE 5.2R' 
_diffrn_source.pdbx_synchrotron_site       ELETTRA 
_diffrn_source.pdbx_synchrotron_beamline   5.2R 
_diffrn_source.pdbx_wavelength             ? 
_diffrn_source.pdbx_wavelength_list        ? 
# 
_reflns.entry_id                     367D 
_reflns.observed_criterion_sigma_I   ? 
_reflns.observed_criterion_sigma_F   ? 
_reflns.d_resolution_low             12.000 
_reflns.d_resolution_high            1.200 
_reflns.number_obs                   11570 
_reflns.number_all                   ? 
_reflns.percent_possible_obs         92.300 
_reflns.pdbx_Rmerge_I_obs            0.07 
_reflns.pdbx_Rsym_value              ? 
_reflns.pdbx_netI_over_sigmaI        ? 
_reflns.B_iso_Wilson_estimate        ? 
_reflns.pdbx_redundancy              3.242 
_reflns.R_free_details               ? 
_reflns.pdbx_diffrn_id               1 
_reflns.pdbx_ordinal                 1 
# 
_refine.entry_id                                 367D 
_refine.ls_number_reflns_obs                     10983 
_refine.ls_number_reflns_all                     10983 
_refine.pdbx_ls_sigma_I                          ? 
_refine.pdbx_ls_sigma_F                          ? 
_refine.pdbx_data_cutoff_high_absF               ? 
_refine.pdbx_data_cutoff_low_absF                ? 
_refine.pdbx_data_cutoff_high_rms_absF           ? 
_refine.ls_d_res_low                             100.000 
_refine.ls_d_res_high                            1.200 
_refine.ls_percent_reflns_obs                    87.700 
_refine.ls_R_factor_obs                          0.178 
_refine.ls_R_factor_all                          0.178 
_refine.ls_R_factor_R_work                       ? 
_refine.ls_R_factor_R_free                       ? 
_refine.ls_R_factor_R_free_error                 ? 
_refine.ls_R_factor_R_free_error_details         ? 
_refine.ls_percent_reflns_R_free                 ? 
_refine.ls_number_reflns_R_free                  ? 
_refine.ls_number_parameters                     3299 
_refine.ls_number_restraints                     7900 
_refine.occupancy_min                            ? 
_refine.occupancy_max                            ? 
_refine.B_iso_mean                               ? 
_refine.aniso_B[1][1]                            ? 
_refine.aniso_B[2][2]                            ? 
_refine.aniso_B[3][3]                            ? 
_refine.aniso_B[1][2]                            ? 
_refine.aniso_B[1][3]                            ? 
_refine.aniso_B[2][3]                            ? 
_refine.solvent_model_details                    ? 
_refine.solvent_model_param_ksol                 ? 
_refine.solvent_model_param_bsol                 ? 
_refine.pdbx_ls_cross_valid_method               NONE 
_refine.details                                  ? 
_refine.pdbx_starting_model                      ? 
_refine.pdbx_method_to_determine_struct          ? 
_refine.pdbx_isotropic_thermal_model             ? 
_refine.pdbx_stereochemistry_target_values       ? 
_refine.pdbx_stereochem_target_val_spec_case     ? 
_refine.pdbx_R_Free_selection_details            ? 
_refine.pdbx_overall_ESU_R                       ? 
_refine.pdbx_overall_ESU_R_Free                  ? 
_refine.overall_SU_ML                            ? 
_refine.overall_SU_B                             ? 
_refine.ls_redundancy_reflns_obs                 ? 
_refine.correlation_coeff_Fo_to_Fc               ? 
_refine.overall_SU_R_Cruickshank_DPI             ? 
_refine.overall_SU_R_free                        ? 
_refine.correlation_coeff_Fo_to_Fc_free          ? 
_refine.pdbx_solvent_vdw_probe_radii             ? 
_refine.pdbx_solvent_ion_probe_radii             ? 
_refine.pdbx_solvent_shrinkage_radii             ? 
_refine.pdbx_refine_id                           'X-RAY DIFFRACTION' 
_refine.pdbx_diffrn_id                           1 
_refine.pdbx_TLS_residual_ADP_flag               ? 
_refine.pdbx_overall_phase_error                 ? 
_refine.pdbx_overall_SU_R_free_Cruickshank_DPI   ? 
_refine.pdbx_overall_SU_R_Blow_DPI               ? 
_refine.pdbx_overall_SU_R_free_Blow_DPI          ? 
# 
_refine_analyze.entry_id                        367D 
_refine_analyze.Luzzati_coordinate_error_obs    ? 
_refine_analyze.Luzzati_sigma_a_obs             ? 
_refine_analyze.Luzzati_d_res_low_obs           ? 
_refine_analyze.Luzzati_coordinate_error_free   ? 
_refine_analyze.Luzzati_sigma_a_free            ? 
_refine_analyze.Luzzati_d_res_low_free          ? 
_refine_analyze.number_disordered_residues      1 
_refine_analyze.occupancy_sum_hydrogen          415.00 
_refine_analyze.occupancy_sum_non_hydrogen      0.00 
_refine_analyze.pdbx_refine_id                  'X-RAY DIFFRACTION' 
# 
_refine_hist.pdbx_refine_id                   'X-RAY DIFFRACTION' 
_refine_hist.cycle_id                         LAST 
_refine_hist.pdbx_number_atoms_protein        0 
_refine_hist.pdbx_number_atoms_nucleic_acid   238 
_refine_hist.pdbx_number_atoms_ligand         80 
_refine_hist.number_atoms_solvent             113 
_refine_hist.number_atoms_total               431 
_refine_hist.d_res_high                       1.200 
_refine_hist.d_res_low                        100.000 
# 
loop_
_refine_ls_restr.type 
_refine_ls_restr.dev_ideal 
_refine_ls_restr.dev_ideal_target 
_refine_ls_restr.weight 
_refine_ls_restr.number 
_refine_ls_restr.pdbx_refine_id 
_refine_ls_restr.pdbx_restraint_function 
s_bond_d               ?     ? ? ? 'X-RAY DIFFRACTION' ? 
s_angle_d              0.005 ? ? ? 'X-RAY DIFFRACTION' ? 
s_similar_dist         ?     ? ? ? 'X-RAY DIFFRACTION' ? 
s_from_restr_planes    ?     ? ? ? 'X-RAY DIFFRACTION' ? 
s_zero_chiral_vol      ?     ? ? ? 'X-RAY DIFFRACTION' ? 
s_non_zero_chiral_vol  ?     ? ? ? 'X-RAY DIFFRACTION' ? 
s_anti_bump_dis_restr  ?     ? ? ? 'X-RAY DIFFRACTION' ? 
s_rigid_bond_adp_cmpnt ?     ? ? ? 'X-RAY DIFFRACTION' ? 
s_similar_adp_cmpnt    ?     ? ? ? 'X-RAY DIFFRACTION' ? 
s_approx_iso_adps      ?     ? ? ? 'X-RAY DIFFRACTION' ? 
# 
_pdbx_refine.entry_id                                    367D 
_pdbx_refine.R_factor_all_no_cutoff                      0.178 
_pdbx_refine.R_factor_obs_no_cutoff                      ? 
_pdbx_refine.free_R_factor_no_cutoff                     ? 
_pdbx_refine.free_R_val_test_set_size_perc_no_cutoff     ? 
_pdbx_refine.free_R_val_test_set_ct_no_cutoff            ? 
_pdbx_refine.R_factor_all_4sig_cutoff                    0.159 
_pdbx_refine.R_factor_obs_4sig_cutoff                    ? 
_pdbx_refine.free_R_factor_4sig_cutoff                   ? 
_pdbx_refine.free_R_val_test_set_size_perc_4sig_cutoff   ? 
_pdbx_refine.free_R_val_test_set_ct_4sig_cutoff          ? 
_pdbx_refine.number_reflns_obs_4sig_cutoff               8332 
_pdbx_refine.number_reflns_obs_no_cutoff                 ? 
_pdbx_refine.pdbx_refine_id                              'X-RAY DIFFRACTION' 
_pdbx_refine.free_R_error_no_cutoff                      ? 
# 
_struct.entry_id                  367D 
_struct.title                     '1.2 A STRUCTURE DETERMINATION OF THE D(CG(5-BRU)ACG)2/5-BROMO-9-AMINO-DACA COMPLEX' 
_struct.pdbx_model_details        ? 
_struct.pdbx_CASP_flag            ? 
_struct.pdbx_model_type_details   ? 
# 
_struct_keywords.entry_id        367D 
_struct_keywords.pdbx_keywords   DNA 
_struct_keywords.text            'DNA, DOUBLE HELIX, COMPLEXED WITH DRUG, MODIFIED' 
# 
loop_
_struct_asym.id 
_struct_asym.pdbx_blank_PDB_chainid_flag 
_struct_asym.pdbx_modified 
_struct_asym.entity_id 
_struct_asym.details 
A N N 1 ? 
B N N 1 ? 
C N N 2 ? 
D N N 3 ? 
E N N 2 ? 
F N N 2 ? 
G N N 3 ? 
H N N 4 ? 
I N N 4 ? 
# 
_struct_ref.id                         1 
_struct_ref.entity_id                  1 
_struct_ref.db_name                    PDB 
_struct_ref.db_code                    367D 
_struct_ref.pdbx_db_accession          367D 
_struct_ref.pdbx_db_isoform            ? 
_struct_ref.pdbx_seq_one_letter_code   ? 
_struct_ref.pdbx_align_begin           ? 
# 
loop_
_struct_ref_seq.align_id 
_struct_ref_seq.ref_id 
_struct_ref_seq.pdbx_PDB_id_code 
_struct_ref_seq.pdbx_strand_id 
_struct_ref_seq.seq_align_beg 
_struct_ref_seq.pdbx_seq_align_beg_ins_code 
_struct_ref_seq.seq_align_end 
_struct_ref_seq.pdbx_seq_align_end_ins_code 
_struct_ref_seq.pdbx_db_accession 
_struct_ref_seq.db_align_beg 
_struct_ref_seq.pdbx_db_align_beg_ins_code 
_struct_ref_seq.db_align_end 
_struct_ref_seq.pdbx_db_align_end_ins_code 
_struct_ref_seq.pdbx_auth_seq_align_beg 
_struct_ref_seq.pdbx_auth_seq_align_end 
1 1 367D A 1 ? 6 ? 367D 1 ? 6  ? 1 6  
2 1 367D B 1 ? 6 ? 367D 7 ? 12 ? 7 12 
# 
_pdbx_struct_assembly.id                   1 
_pdbx_struct_assembly.details              author_defined_assembly 
_pdbx_struct_assembly.method_details       ? 
_pdbx_struct_assembly.oligomeric_details   dimeric 
_pdbx_struct_assembly.oligomeric_count     2 
# 
_pdbx_struct_assembly_gen.assembly_id       1 
_pdbx_struct_assembly_gen.oper_expression   1 
_pdbx_struct_assembly_gen.asym_id_list      A,B,C,D,E,F,G,H,I 
# 
_pdbx_struct_oper_list.id                   1 
_pdbx_struct_oper_list.type                 'identity operation' 
_pdbx_struct_oper_list.name                 1_555 
_pdbx_struct_oper_list.symmetry_operation   x,y,z 
_pdbx_struct_oper_list.matrix[1][1]         1.0000000000 
_pdbx_struct_oper_list.matrix[1][2]         0.0000000000 
_pdbx_struct_oper_list.matrix[1][3]         0.0000000000 
_pdbx_struct_oper_list.vector[1]            0.0000000000 
_pdbx_struct_oper_list.matrix[2][1]         0.0000000000 
_pdbx_struct_oper_list.matrix[2][2]         1.0000000000 
_pdbx_struct_oper_list.matrix[2][3]         0.0000000000 
_pdbx_struct_oper_list.vector[2]            0.0000000000 
_pdbx_struct_oper_list.matrix[3][1]         0.0000000000 
_pdbx_struct_oper_list.matrix[3][2]         0.0000000000 
_pdbx_struct_oper_list.matrix[3][3]         1.0000000000 
_pdbx_struct_oper_list.vector[3]            0.0000000000 
# 
_struct_biol.id                    1 
_struct_biol.pdbx_parent_biol_id   ? 
_struct_biol.details               ? 
# 
loop_
_struct_conn.id 
_struct_conn.conn_type_id 
_struct_conn.pdbx_leaving_atom_flag 
_struct_conn.pdbx_PDB_id 
_struct_conn.ptnr1_label_asym_id 
_struct_conn.ptnr1_label_comp_id 
_struct_conn.ptnr1_label_seq_id 
_struct_conn.ptnr1_label_atom_id 
_struct_conn.pdbx_ptnr1_label_alt_id 
_struct_conn.pdbx_ptnr1_PDB_ins_code 
_struct_conn.pdbx_ptnr1_standard_comp_id 
_struct_conn.ptnr1_symmetry 
_struct_conn.ptnr2_label_asym_id 
_struct_conn.ptnr2_label_comp_id 
_struct_conn.ptnr2_label_seq_id 
_struct_conn.ptnr2_label_atom_id 
_struct_conn.pdbx_ptnr2_label_alt_id 
_struct_conn.pdbx_ptnr2_PDB_ins_code 
_struct_conn.ptnr1_auth_asym_id 
_struct_conn.ptnr1_auth_comp_id 
_struct_conn.ptnr1_auth_seq_id 
_struct_conn.ptnr2_auth_asym_id 
_struct_conn.ptnr2_auth_comp_id 
_struct_conn.ptnr2_auth_seq_id 
_struct_conn.ptnr2_symmetry 
_struct_conn.pdbx_ptnr3_label_atom_id 
_struct_conn.pdbx_ptnr3_label_seq_id 
_struct_conn.pdbx_ptnr3_label_comp_id 
_struct_conn.pdbx_ptnr3_label_asym_id 
_struct_conn.pdbx_ptnr3_label_alt_id 
_struct_conn.pdbx_ptnr3_PDB_ins_code 
_struct_conn.details 
_struct_conn.pdbx_dist_value 
_struct_conn.pdbx_value_order 
_struct_conn.pdbx_role 
covale1  covale one ? A DU 3 C5 ? ? ? 1_555 D BR . BR ? ? A DU 3 A BR 15 1_555 ? ? ? ? ? ? ?            1.949 ? ? 
covale2  covale one ? B DU 3 C5 ? ? ? 1_555 G BR . BR ? ? B DU 9 B BR 16 1_555 ? ? ? ? ? ? ?            1.958 ? ? 
hydrog1  hydrog ?   ? A DC 1 N3 ? ? ? 1_555 B DG 6 N1 ? ? A DC 1 B DG 12 1_555 ? ? ? ? ? ? WATSON-CRICK ?     ? ? 
hydrog2  hydrog ?   ? A DC 1 N4 ? ? ? 1_555 B DG 6 O6 ? ? A DC 1 B DG 12 1_555 ? ? ? ? ? ? WATSON-CRICK ?     ? ? 
hydrog3  hydrog ?   ? A DC 1 O2 ? ? ? 1_555 B DG 6 N2 ? ? A DC 1 B DG 12 1_555 ? ? ? ? ? ? WATSON-CRICK ?     ? ? 
hydrog4  hydrog ?   ? A DG 2 N1 ? ? ? 1_555 B DC 5 N3 ? ? A DG 2 B DC 11 1_555 ? ? ? ? ? ? WATSON-CRICK ?     ? ? 
hydrog5  hydrog ?   ? A DG 2 N2 ? ? ? 1_555 B DC 5 O2 ? ? A DG 2 B DC 11 1_555 ? ? ? ? ? ? WATSON-CRICK ?     ? ? 
hydrog6  hydrog ?   ? A DG 2 O6 ? ? ? 1_555 B DC 5 N4 ? ? A DG 2 B DC 11 1_555 ? ? ? ? ? ? WATSON-CRICK ?     ? ? 
hydrog7  hydrog ?   ? A DU 3 N3 ? ? ? 1_555 B DA 4 N1 ? ? A DU 3 B DA 10 1_555 ? ? ? ? ? ? WATSON-CRICK ?     ? ? 
hydrog8  hydrog ?   ? A DU 3 O4 ? ? ? 1_555 B DA 4 N6 ? ? A DU 3 B DA 10 1_555 ? ? ? ? ? ? WATSON-CRICK ?     ? ? 
hydrog9  hydrog ?   ? A DA 4 N1 ? ? ? 1_555 B DU 3 N3 ? ? A DA 4 B DU 9  1_555 ? ? ? ? ? ? WATSON-CRICK ?     ? ? 
hydrog10 hydrog ?   ? A DA 4 N6 ? ? ? 1_555 B DU 3 O4 ? ? A DA 4 B DU 9  1_555 ? ? ? ? ? ? WATSON-CRICK ?     ? ? 
hydrog11 hydrog ?   ? A DC 5 N3 ? ? ? 1_555 B DG 2 N1 ? ? A DC 5 B DG 8  1_555 ? ? ? ? ? ? WATSON-CRICK ?     ? ? 
hydrog12 hydrog ?   ? A DC 5 N4 ? ? ? 1_555 B DG 2 O6 ? ? A DC 5 B DG 8  1_555 ? ? ? ? ? ? WATSON-CRICK ?     ? ? 
hydrog13 hydrog ?   ? A DC 5 O2 ? ? ? 1_555 B DG 2 N2 ? ? A DC 5 B DG 8  1_555 ? ? ? ? ? ? WATSON-CRICK ?     ? ? 
hydrog14 hydrog ?   ? A DG 6 N1 ? ? ? 1_555 B DC 1 N3 ? ? A DG 6 B DC 7  1_555 ? ? ? ? ? ? WATSON-CRICK ?     ? ? 
hydrog15 hydrog ?   ? A DG 6 N2 ? ? ? 1_555 B DC 1 O2 ? ? A DG 6 B DC 7  1_555 ? ? ? ? ? ? WATSON-CRICK ?     ? ? 
hydrog16 hydrog ?   ? A DG 6 O6 ? ? ? 1_555 B DC 1 N4 ? ? A DG 6 B DC 7  1_555 ? ? ? ? ? ? WATSON-CRICK ?     ? ? 
# 
loop_
_struct_conn_type.id 
_struct_conn_type.criteria 
_struct_conn_type.reference 
covale ? ? 
hydrog ? ? 
# 
loop_
_struct_site.id 
_struct_site.pdbx_evidence_code 
_struct_site.pdbx_auth_asym_id 
_struct_site.pdbx_auth_comp_id 
_struct_site.pdbx_auth_seq_id 
_struct_site.pdbx_auth_ins_code 
_struct_site.pdbx_num_residues 
_struct_site.details 
AC1 Software B DA5 13 ? 6 'BINDING SITE FOR RESIDUE DA5 B 13' 
AC2 Software A DA5 14 ? 7 'BINDING SITE FOR RESIDUE DA5 A 14' 
AC3 Software B DA5 15 ? 5 'BINDING SITE FOR RESIDUE DA5 B 15' 
AC4 Software A BR  15 ? 1 'BINDING SITE FOR RESIDUE BR A 15'  
AC5 Software B BR  16 ? 2 'BINDING SITE FOR RESIDUE BR B 16'  
1   ?        ? ?   ?  ? ? ?                                   
# 
loop_
_struct_site_gen.id 
_struct_site_gen.site_id 
_struct_site_gen.pdbx_num_res 
_struct_site_gen.label_comp_id 
_struct_site_gen.label_asym_id 
_struct_site_gen.label_seq_id 
_struct_site_gen.pdbx_auth_ins_code 
_struct_site_gen.auth_comp_id 
_struct_site_gen.auth_asym_id 
_struct_site_gen.auth_seq_id 
_struct_site_gen.label_atom_id 
_struct_site_gen.label_alt_id 
_struct_site_gen.symmetry 
_struct_site_gen.details 
1  AC1 6 DC  A 5 ? DC  A 5   . ? 1_555 ? 
2  AC1 6 DG  A 6 ? DG  A 6   . ? 1_555 ? 
3  AC1 6 DC  B 1 ? DC  B 7   . ? 1_555 ? 
4  AC1 6 DG  B 2 ? DG  B 8   . ? 3_654 ? 
5  AC1 6 DG  B 2 ? DG  B 8   . ? 1_555 ? 
6  AC1 6 HOH I . ? HOH B 27  . ? 2_545 ? 
7  AC2 7 DC  A 1 ? DC  A 1   . ? 1_555 ? 
8  AC2 7 DG  A 2 ? DG  A 2   . ? 1_555 ? 
9  AC2 7 DG  A 2 ? DG  A 2   . ? 3_664 ? 
10 AC2 7 HOH H . ? HOH A 34  . ? 1_555 ? 
11 AC2 7 HOH H . ? HOH A 106 . ? 1_555 ? 
12 AC2 7 DC  B 5 ? DC  B 11  . ? 1_555 ? 
13 AC2 7 DG  B 6 ? DG  B 12  . ? 1_555 ? 
14 AC3 5 DC  A 1 ? DC  A 1   . ? 1_555 ? 
15 AC3 5 DG  A 6 ? DG  A 6   . ? 1_665 ? 
16 AC3 5 DC  B 1 ? DC  B 7   . ? 1_665 ? 
17 AC3 5 DG  B 6 ? DG  B 12  . ? 1_555 ? 
18 AC3 5 HOH I . ? HOH B 39  . ? 1_555 ? 
19 AC4 1 DU  A 3 ? DU  A 3   . ? 1_555 ? 
20 AC5 2 HOH H . ? HOH A 51  . ? 2_655 ? 
21 AC5 2 DU  B 3 ? DU  B 9   . ? 1_555 ? 
# 
_pdbx_validate_symm_contact.id                1 
_pdbx_validate_symm_contact.PDB_model_num     1 
_pdbx_validate_symm_contact.auth_atom_id_1    BR 
_pdbx_validate_symm_contact.auth_asym_id_1    B 
_pdbx_validate_symm_contact.auth_comp_id_1    BR 
_pdbx_validate_symm_contact.auth_seq_id_1     16 
_pdbx_validate_symm_contact.PDB_ins_code_1    ? 
_pdbx_validate_symm_contact.label_alt_id_1    ? 
_pdbx_validate_symm_contact.site_symmetry_1   1_555 
_pdbx_validate_symm_contact.auth_atom_id_2    O 
_pdbx_validate_symm_contact.auth_asym_id_2    A 
_pdbx_validate_symm_contact.auth_comp_id_2    HOH 
_pdbx_validate_symm_contact.auth_seq_id_2     51 
_pdbx_validate_symm_contact.PDB_ins_code_2    ? 
_pdbx_validate_symm_contact.label_alt_id_2    ? 
_pdbx_validate_symm_contact.site_symmetry_2   2_655 
_pdbx_validate_symm_contact.dist              2.10 
# 
loop_
_pdbx_validate_rmsd_bond.id 
_pdbx_validate_rmsd_bond.PDB_model_num 
_pdbx_validate_rmsd_bond.auth_atom_id_1 
_pdbx_validate_rmsd_bond.auth_asym_id_1 
_pdbx_validate_rmsd_bond.auth_comp_id_1 
_pdbx_validate_rmsd_bond.auth_seq_id_1 
_pdbx_validate_rmsd_bond.PDB_ins_code_1 
_pdbx_validate_rmsd_bond.label_alt_id_1 
_pdbx_validate_rmsd_bond.auth_atom_id_2 
_pdbx_validate_rmsd_bond.auth_asym_id_2 
_pdbx_validate_rmsd_bond.auth_comp_id_2 
_pdbx_validate_rmsd_bond.auth_seq_id_2 
_pdbx_validate_rmsd_bond.PDB_ins_code_2 
_pdbx_validate_rmsd_bond.label_alt_id_2 
_pdbx_validate_rmsd_bond.bond_value 
_pdbx_validate_rmsd_bond.bond_target_value 
_pdbx_validate_rmsd_bond.bond_deviation 
_pdbx_validate_rmsd_bond.bond_standard_deviation 
_pdbx_validate_rmsd_bond.linker_flag 
1  1 "O4'" A DC 1  ? ? "C1'" A DC 1  ? ? 1.510 1.420 0.090  0.011 N 
2  1 "C5'" A DG 2  ? ? "C4'" A DG 2  ? ? 1.554 1.512 0.042  0.007 N 
3  1 "O4'" A DG 2  ? ? "C1'" A DG 2  ? ? 1.500 1.420 0.080  0.011 N 
4  1 "C5'" A DU 3  ? ? "C4'" A DU 3  ? ? 1.570 1.512 0.058  0.007 N 
5  1 "O4'" A DU 3  ? ? "C1'" A DU 3  ? ? 1.516 1.420 0.096  0.011 N 
6  1 "C1'" A DU 3  ? ? N1    A DU 3  ? ? 1.381 1.468 -0.087 0.014 N 
7  1 "C5'" A DA 4  ? ? "C4'" A DA 4  ? ? 1.575 1.512 0.063  0.007 N 
8  1 "O4'" A DA 4  ? ? "C1'" A DA 4  ? ? 1.490 1.420 0.070  0.011 N 
9  1 C5    A DA 4  ? ? N7    A DA 4  ? ? 1.433 1.388 0.045  0.006 N 
10 1 "C5'" A DC 5  ? ? "C4'" A DC 5  ? ? 1.564 1.512 0.052  0.007 N 
11 1 "C5'" A DG 6  ? ? "C4'" A DG 6  ? ? 1.581 1.512 0.069  0.007 N 
12 1 "O4'" B DC 7  ? ? "C1'" B DC 7  ? ? 1.504 1.420 0.084  0.011 N 
13 1 "O4'" B DG 8  ? ? "C1'" B DG 8  ? ? 1.507 1.420 0.087  0.011 N 
14 1 "C5'" B DU 9  ? ? "C4'" B DU 9  ? ? 1.566 1.512 0.054  0.007 N 
15 1 "O4'" B DU 9  ? ? "C1'" B DU 9  ? ? 1.521 1.420 0.101  0.011 N 
16 1 "C5'" B DA 10 ? ? "C4'" B DA 10 ? ? 1.583 1.512 0.071  0.007 N 
17 1 "C5'" B DC 11 ? ? "C4'" B DC 11 ? ? 1.576 1.512 0.064  0.007 N 
18 1 "C5'" B DG 12 ? ? "C4'" B DG 12 ? ? 1.589 1.512 0.077  0.007 N 
# 
loop_
_pdbx_validate_rmsd_angle.id 
_pdbx_validate_rmsd_angle.PDB_model_num 
_pdbx_validate_rmsd_angle.auth_atom_id_1 
_pdbx_validate_rmsd_angle.auth_asym_id_1 
_pdbx_validate_rmsd_angle.auth_comp_id_1 
_pdbx_validate_rmsd_angle.auth_seq_id_1 
_pdbx_validate_rmsd_angle.PDB_ins_code_1 
_pdbx_validate_rmsd_angle.label_alt_id_1 
_pdbx_validate_rmsd_angle.auth_atom_id_2 
_pdbx_validate_rmsd_angle.auth_asym_id_2 
_pdbx_validate_rmsd_angle.auth_comp_id_2 
_pdbx_validate_rmsd_angle.auth_seq_id_2 
_pdbx_validate_rmsd_angle.PDB_ins_code_2 
_pdbx_validate_rmsd_angle.label_alt_id_2 
_pdbx_validate_rmsd_angle.auth_atom_id_3 
_pdbx_validate_rmsd_angle.auth_asym_id_3 
_pdbx_validate_rmsd_angle.auth_comp_id_3 
_pdbx_validate_rmsd_angle.auth_seq_id_3 
_pdbx_validate_rmsd_angle.PDB_ins_code_3 
_pdbx_validate_rmsd_angle.label_alt_id_3 
_pdbx_validate_rmsd_angle.angle_value 
_pdbx_validate_rmsd_angle.angle_target_value 
_pdbx_validate_rmsd_angle.angle_deviation 
_pdbx_validate_rmsd_angle.angle_standard_deviation 
_pdbx_validate_rmsd_angle.linker_flag 
1  1 N1    A DC 1  ? ? "C1'" A DC 1  ? ? "C2'" A DC 1  ? ? 125.80 114.30 11.50  1.40 N 
2  1 "O4'" A DC 1  ? ? "C1'" A DC 1  ? ? N1    A DC 1  ? ? 103.49 108.00 -4.51  0.70 N 
3  1 "O4'" A DG 2  ? ? "C1'" A DG 2  ? ? N9    A DG 2  ? ? 101.73 108.00 -6.27  0.70 N 
4  1 "O5'" A DU 3  ? ? "C5'" A DU 3  ? ? "C4'" A DU 3  ? ? 101.69 109.40 -7.71  0.80 N 
5  1 "C3'" A DU 3  ? ? "C2'" A DU 3  ? ? "C1'" A DU 3  ? ? 96.20  102.40 -6.20  0.80 N 
6  1 "O4'" A DU 3  ? ? "C1'" A DU 3  ? ? "C2'" A DU 3  ? ? 99.27  105.90 -6.63  0.80 N 
7  1 "O4'" A DU 3  ? ? "C1'" A DU 3  ? ? N1    A DU 3  ? ? 99.17  108.00 -8.83  0.70 N 
8  1 C6    A DU 3  ? ? N1    A DU 3  ? ? C2    A DU 3  ? ? 117.05 121.00 -3.95  0.60 N 
9  1 C2    A DU 3  ? ? N3    A DU 3  ? ? C4    A DU 3  ? ? 132.13 127.00 5.13   0.60 N 
10 1 N3    A DU 3  ? ? C4    A DU 3  ? ? C5    A DU 3  ? ? 110.73 114.60 -3.87  0.60 N 
11 1 C5    A DU 3  ? ? C6    A DU 3  ? ? N1    A DU 3  ? ? 127.95 122.70 5.25   0.50 N 
12 1 N3    A DU 3  ? ? C4    A DU 3  ? ? O4    A DU 3  ? ? 129.09 119.40 9.69   0.70 N 
13 1 C5    A DU 3  ? ? C4    A DU 3  ? ? O4    A DU 3  ? ? 120.18 125.90 -5.72  0.60 N 
14 1 OP1   A DA 4  ? ? P     A DA 4  ? ? OP2   A DA 4  ? ? 154.69 119.60 35.09  1.50 N 
15 1 "O5'" A DA 4  ? ? P     A DA 4  ? ? OP1   A DA 4  ? ? 94.64  105.70 -11.06 0.90 N 
16 1 "O5'" A DA 4  ? ? P     A DA 4  ? ? OP2   A DA 4  ? ? 98.58  105.70 -7.12  0.90 N 
17 1 "O5'" A DA 4  ? ? "C5'" A DA 4  ? ? "C4'" A DA 4  ? ? 101.35 109.40 -8.05  0.80 N 
18 1 "O4'" A DA 4  ? ? "C1'" A DA 4  ? ? N9    A DA 4  ? ? 100.82 108.00 -7.18  0.70 N 
19 1 N1    A DA 4  ? ? C2    A DA 4  ? ? N3    A DA 4  ? ? 125.76 129.30 -3.54  0.50 N 
20 1 "O4'" A DC 5  ? ? "C1'" A DC 5  ? ? N1    A DC 5  ? ? 110.34 108.30 2.04   0.30 N 
21 1 C2    A DC 5  ? ? N3    A DC 5  ? ? C4    A DC 5  ? ? 116.01 119.90 -3.89  0.50 N 
22 1 C5    A DC 5  ? ? C6    A DC 5  ? ? N1    A DC 5  ? ? 116.83 121.00 -4.17  0.50 N 
23 1 N3    A DC 5  ? ? C4    A DC 5  ? ? N4    A DC 5  ? ? 112.82 118.00 -5.18  0.70 N 
24 1 "O4'" A DG 6  ? ? "C1'" A DG 6  ? ? N9    A DG 6  ? ? 101.16 108.00 -6.84  0.70 N 
25 1 N1    B DC 7  ? ? "C1'" B DC 7  ? ? "C2'" B DC 7  ? ? 125.46 114.30 11.16  1.40 N 
26 1 "O4'" B DC 7  ? ? "C1'" B DC 7  ? ? N1    B DC 7  ? ? 102.29 108.00 -5.71  0.70 N 
27 1 C5    B DC 7  ? ? C4    B DC 7  ? ? N4    B DC 7  ? ? 115.50 120.20 -4.70  0.70 N 
28 1 "O4'" B DG 8  ? ? "C1'" B DG 8  ? ? N9    B DG 8  ? ? 98.96  108.00 -9.04  0.70 N 
29 1 N3    B DG 8  ? ? C4    B DG 8  ? ? C5    B DG 8  ? ? 125.38 128.60 -3.22  0.50 N 
30 1 "O5'" B DU 9  ? ? "C5'" B DU 9  ? ? "C4'" B DU 9  ? ? 101.61 109.40 -7.79  0.80 N 
31 1 "C3'" B DU 9  ? ? "C2'" B DU 9  ? ? "C1'" B DU 9  ? ? 95.97  102.40 -6.43  0.80 N 
32 1 "O4'" B DU 9  ? ? "C1'" B DU 9  ? ? "C2'" B DU 9  ? ? 99.18  105.90 -6.72  0.80 N 
33 1 "O4'" B DU 9  ? ? "C1'" B DU 9  ? ? N1    B DU 9  ? ? 98.06  108.00 -9.94  0.70 N 
34 1 N1    B DU 9  ? ? C2    B DU 9  ? ? N3    B DU 9  ? ? 111.19 114.90 -3.71  0.60 N 
35 1 C2    B DU 9  ? ? N3    B DU 9  ? ? C4    B DU 9  ? ? 132.19 127.00 5.19   0.60 N 
36 1 C5    B DU 9  ? ? C6    B DU 9  ? ? N1    B DU 9  ? ? 127.67 122.70 4.97   0.50 N 
37 1 N3    B DU 9  ? ? C4    B DU 9  ? ? O4    B DU 9  ? ? 128.49 119.40 9.09   0.70 N 
38 1 C5    B DU 9  ? ? C4    B DU 9  ? ? O4    B DU 9  ? ? 118.60 125.90 -7.30  0.60 N 
39 1 "C3'" B DU 9  ? ? "O3'" B DU 9  ? ? P     B DA 10 ? ? 127.04 119.70 7.34   1.20 Y 
40 1 OP1   B DA 10 ? ? P     B DA 10 ? ? OP2   B DA 10 ? ? 134.00 119.60 14.40  1.50 N 
41 1 "O5'" B DA 10 ? ? "C5'" B DA 10 ? ? "C4'" B DA 10 ? ? 102.42 109.40 -6.98  0.80 N 
42 1 "O4'" B DA 10 ? ? "C1'" B DA 10 ? ? N9    B DA 10 ? ? 100.85 108.00 -7.15  0.70 N 
43 1 "O4'" B DC 11 ? ? "C1'" B DC 11 ? ? N1    B DC 11 ? ? 110.66 108.30 2.36   0.30 N 
44 1 C2    B DC 11 ? ? N3    B DC 11 ? ? C4    B DC 11 ? ? 114.82 119.90 -5.08  0.50 N 
45 1 C4    B DC 11 ? ? C5    B DC 11 ? ? C6    B DC 11 ? ? 121.39 117.40 3.99   0.50 N 
46 1 C5    B DC 11 ? ? C6    B DC 11 ? ? N1    B DC 11 ? ? 115.68 121.00 -5.32  0.50 N 
47 1 "O4'" B DG 12 ? ? "C1'" B DG 12 ? ? N9    B DG 12 ? ? 102.74 108.00 -5.26  0.70 N 
48 1 C2    B DG 12 ? ? N3    B DG 12 ? ? C4    B DG 12 ? ? 115.90 111.90 4.00   0.50 N 
49 1 C5    B DG 12 ? ? C6    B DG 12 ? ? N1    B DG 12 ? ? 115.69 111.50 4.19   0.50 N 
# 
_struct_site_keywords.site_id   1 
_struct_site_keywords.text      INTERCALATION 
# 
loop_
_chem_comp_atom.comp_id 
_chem_comp_atom.atom_id 
_chem_comp_atom.type_symbol 
_chem_comp_atom.pdbx_aromatic_flag 
_chem_comp_atom.pdbx_stereo_config 
_chem_comp_atom.pdbx_ordinal 
BR  BR     BR N N 1   
DA  OP3    O  N N 2   
DA  P      P  N N 3   
DA  OP1    O  N N 4   
DA  OP2    O  N N 5   
DA  "O5'"  O  N N 6   
DA  "C5'"  C  N N 7   
DA  "C4'"  C  N R 8   
DA  "O4'"  O  N N 9   
DA  "C3'"  C  N S 10  
DA  "O3'"  O  N N 11  
DA  "C2'"  C  N N 12  
DA  "C1'"  C  N R 13  
DA  N9     N  Y N 14  
DA  C8     C  Y N 15  
DA  N7     N  Y N 16  
DA  C5     C  Y N 17  
DA  C6     C  Y N 18  
DA  N6     N  N N 19  
DA  N1     N  Y N 20  
DA  C2     C  Y N 21  
DA  N3     N  Y N 22  
DA  C4     C  Y N 23  
DA  HOP3   H  N N 24  
DA  HOP2   H  N N 25  
DA  "H5'"  H  N N 26  
DA  "H5''" H  N N 27  
DA  "H4'"  H  N N 28  
DA  "H3'"  H  N N 29  
DA  "HO3'" H  N N 30  
DA  "H2'"  H  N N 31  
DA  "H2''" H  N N 32  
DA  "H1'"  H  N N 33  
DA  H8     H  N N 34  
DA  H61    H  N N 35  
DA  H62    H  N N 36  
DA  H2     H  N N 37  
DA5 C1     C  Y N 38  
DA5 C2     C  Y N 39  
DA5 C3     C  Y N 40  
DA5 C4     C  Y N 41  
DA5 C5     C  Y N 42  
DA5 C6     C  Y N 43  
DA5 C7     C  Y N 44  
DA5 C8     C  Y N 45  
DA5 C9     C  Y N 46  
DA5 N9     N  N N 47  
DA5 N10    N  Y N 48  
DA5 C11    C  Y N 49  
DA5 C12    C  Y N 50  
DA5 C13    C  Y N 51  
DA5 C14    C  Y N 52  
DA5 BR     BR N N 53  
DA5 CD1    C  N N 54  
DA5 OD1    O  N N 55  
DA5 ND1    N  N N 56  
DA5 CD2    C  N N 57  
DA5 CD3    C  N N 58  
DA5 ND2    N  N N 59  
DA5 CD7    C  N N 60  
DA5 CD8    C  N N 61  
DA5 H1     H  N N 62  
DA5 H2     H  N N 63  
DA5 H3     H  N N 64  
DA5 H6     H  N N 65  
DA5 H7     H  N N 66  
DA5 H8     H  N N 67  
DA5 HN91   H  N N 68  
DA5 HN92   H  N N 69  
DA5 HN93   H  N N 70  
DA5 H10    H  N N 71  
DA5 HND1   H  N N 72  
DA5 HD21   H  N N 73  
DA5 HD22   H  N N 74  
DA5 HD31   H  N N 75  
DA5 HD32   H  N N 76  
DA5 HD71   H  N N 77  
DA5 HD72   H  N N 78  
DA5 HD73   H  N N 79  
DA5 HD81   H  N N 80  
DA5 HD82   H  N N 81  
DA5 HD83   H  N N 82  
DC  OP3    O  N N 83  
DC  P      P  N N 84  
DC  OP1    O  N N 85  
DC  OP2    O  N N 86  
DC  "O5'"  O  N N 87  
DC  "C5'"  C  N N 88  
DC  "C4'"  C  N R 89  
DC  "O4'"  O  N N 90  
DC  "C3'"  C  N S 91  
DC  "O3'"  O  N N 92  
DC  "C2'"  C  N N 93  
DC  "C1'"  C  N R 94  
DC  N1     N  N N 95  
DC  C2     C  N N 96  
DC  O2     O  N N 97  
DC  N3     N  N N 98  
DC  C4     C  N N 99  
DC  N4     N  N N 100 
DC  C5     C  N N 101 
DC  C6     C  N N 102 
DC  HOP3   H  N N 103 
DC  HOP2   H  N N 104 
DC  "H5'"  H  N N 105 
DC  "H5''" H  N N 106 
DC  "H4'"  H  N N 107 
DC  "H3'"  H  N N 108 
DC  "HO3'" H  N N 109 
DC  "H2'"  H  N N 110 
DC  "H2''" H  N N 111 
DC  "H1'"  H  N N 112 
DC  H41    H  N N 113 
DC  H42    H  N N 114 
DC  H5     H  N N 115 
DC  H6     H  N N 116 
DG  OP3    O  N N 117 
DG  P      P  N N 118 
DG  OP1    O  N N 119 
DG  OP2    O  N N 120 
DG  "O5'"  O  N N 121 
DG  "C5'"  C  N N 122 
DG  "C4'"  C  N R 123 
DG  "O4'"  O  N N 124 
DG  "C3'"  C  N S 125 
DG  "O3'"  O  N N 126 
DG  "C2'"  C  N N 127 
DG  "C1'"  C  N R 128 
DG  N9     N  Y N 129 
DG  C8     C  Y N 130 
DG  N7     N  Y N 131 
DG  C5     C  Y N 132 
DG  C6     C  N N 133 
DG  O6     O  N N 134 
DG  N1     N  N N 135 
DG  C2     C  N N 136 
DG  N2     N  N N 137 
DG  N3     N  N N 138 
DG  C4     C  Y N 139 
DG  HOP3   H  N N 140 
DG  HOP2   H  N N 141 
DG  "H5'"  H  N N 142 
DG  "H5''" H  N N 143 
DG  "H4'"  H  N N 144 
DG  "H3'"  H  N N 145 
DG  "HO3'" H  N N 146 
DG  "H2'"  H  N N 147 
DG  "H2''" H  N N 148 
DG  "H1'"  H  N N 149 
DG  H8     H  N N 150 
DG  H1     H  N N 151 
DG  H21    H  N N 152 
DG  H22    H  N N 153 
DU  OP3    O  N N 154 
DU  P      P  N N 155 
DU  OP1    O  N N 156 
DU  OP2    O  N N 157 
DU  "O5'"  O  N N 158 
DU  "C5'"  C  N N 159 
DU  "C4'"  C  N R 160 
DU  "O4'"  O  N N 161 
DU  "C3'"  C  N S 162 
DU  "O3'"  O  N N 163 
DU  "C2'"  C  N N 164 
DU  "C1'"  C  N R 165 
DU  N1     N  N N 166 
DU  C2     C  N N 167 
DU  O2     O  N N 168 
DU  N3     N  N N 169 
DU  C4     C  N N 170 
DU  O4     O  N N 171 
DU  C5     C  N N 172 
DU  C6     C  N N 173 
DU  HOP3   H  N N 174 
DU  HOP2   H  N N 175 
DU  "H5'"  H  N N 176 
DU  "H5''" H  N N 177 
DU  "H4'"  H  N N 178 
DU  "H3'"  H  N N 179 
DU  "HO3'" H  N N 180 
DU  "H2'"  H  N N 181 
DU  "H2''" H  N N 182 
DU  "H1'"  H  N N 183 
DU  H3     H  N N 184 
DU  H5     H  N N 185 
DU  H6     H  N N 186 
HOH O      O  N N 187 
HOH H1     H  N N 188 
HOH H2     H  N N 189 
# 
loop_
_chem_comp_bond.comp_id 
_chem_comp_bond.atom_id_1 
_chem_comp_bond.atom_id_2 
_chem_comp_bond.value_order 
_chem_comp_bond.pdbx_aromatic_flag 
_chem_comp_bond.pdbx_stereo_config 
_chem_comp_bond.pdbx_ordinal 
DA  OP3   P      sing N N 1   
DA  OP3   HOP3   sing N N 2   
DA  P     OP1    doub N N 3   
DA  P     OP2    sing N N 4   
DA  P     "O5'"  sing N N 5   
DA  OP2   HOP2   sing N N 6   
DA  "O5'" "C5'"  sing N N 7   
DA  "C5'" "C4'"  sing N N 8   
DA  "C5'" "H5'"  sing N N 9   
DA  "C5'" "H5''" sing N N 10  
DA  "C4'" "O4'"  sing N N 11  
DA  "C4'" "C3'"  sing N N 12  
DA  "C4'" "H4'"  sing N N 13  
DA  "O4'" "C1'"  sing N N 14  
DA  "C3'" "O3'"  sing N N 15  
DA  "C3'" "C2'"  sing N N 16  
DA  "C3'" "H3'"  sing N N 17  
DA  "O3'" "HO3'" sing N N 18  
DA  "C2'" "C1'"  sing N N 19  
DA  "C2'" "H2'"  sing N N 20  
DA  "C2'" "H2''" sing N N 21  
DA  "C1'" N9     sing N N 22  
DA  "C1'" "H1'"  sing N N 23  
DA  N9    C8     sing Y N 24  
DA  N9    C4     sing Y N 25  
DA  C8    N7     doub Y N 26  
DA  C8    H8     sing N N 27  
DA  N7    C5     sing Y N 28  
DA  C5    C6     sing Y N 29  
DA  C5    C4     doub Y N 30  
DA  C6    N6     sing N N 31  
DA  C6    N1     doub Y N 32  
DA  N6    H61    sing N N 33  
DA  N6    H62    sing N N 34  
DA  N1    C2     sing Y N 35  
DA  C2    N3     doub Y N 36  
DA  C2    H2     sing N N 37  
DA  N3    C4     sing Y N 38  
DA5 C1    C2     doub Y N 39  
DA5 C1    C11    sing Y N 40  
DA5 C1    H1     sing N N 41  
DA5 C2    C3     sing Y N 42  
DA5 C2    H2     sing N N 43  
DA5 C3    C4     doub Y N 44  
DA5 C3    H3     sing N N 45  
DA5 C4    C12    sing Y N 46  
DA5 C4    CD1    sing N N 47  
DA5 C5    C6     doub Y N 48  
DA5 C5    C14    sing Y N 49  
DA5 C5    BR     sing N N 50  
DA5 C6    C7     sing Y N 51  
DA5 C6    H6     sing N N 52  
DA5 C7    C8     doub Y N 53  
DA5 C7    H7     sing N N 54  
DA5 C8    C13    sing Y N 55  
DA5 C8    H8     sing N N 56  
DA5 C9    N9     sing N N 57  
DA5 C9    C11    doub Y N 58  
DA5 C9    C13    sing Y N 59  
DA5 N9    HN91   sing N N 60  
DA5 N9    HN92   sing N N 61  
DA5 N9    HN93   sing N N 62  
DA5 N10   C12    doub Y N 63  
DA5 N10   C14    sing Y N 64  
DA5 N10   H10    sing N N 65  
DA5 C11   C12    sing Y N 66  
DA5 C13   C14    doub Y N 67  
DA5 CD1   OD1    doub N N 68  
DA5 CD1   ND1    sing N N 69  
DA5 ND1   CD2    sing N N 70  
DA5 ND1   HND1   sing N N 71  
DA5 CD2   CD3    sing N N 72  
DA5 CD2   HD21   sing N N 73  
DA5 CD2   HD22   sing N N 74  
DA5 CD3   ND2    sing N N 75  
DA5 CD3   HD31   sing N N 76  
DA5 CD3   HD32   sing N N 77  
DA5 ND2   CD7    sing N N 78  
DA5 ND2   CD8    sing N N 79  
DA5 CD7   HD71   sing N N 80  
DA5 CD7   HD72   sing N N 81  
DA5 CD7   HD73   sing N N 82  
DA5 CD8   HD81   sing N N 83  
DA5 CD8   HD82   sing N N 84  
DA5 CD8   HD83   sing N N 85  
DC  OP3   P      sing N N 86  
DC  OP3   HOP3   sing N N 87  
DC  P     OP1    doub N N 88  
DC  P     OP2    sing N N 89  
DC  P     "O5'"  sing N N 90  
DC  OP2   HOP2   sing N N 91  
DC  "O5'" "C5'"  sing N N 92  
DC  "C5'" "C4'"  sing N N 93  
DC  "C5'" "H5'"  sing N N 94  
DC  "C5'" "H5''" sing N N 95  
DC  "C4'" "O4'"  sing N N 96  
DC  "C4'" "C3'"  sing N N 97  
DC  "C4'" "H4'"  sing N N 98  
DC  "O4'" "C1'"  sing N N 99  
DC  "C3'" "O3'"  sing N N 100 
DC  "C3'" "C2'"  sing N N 101 
DC  "C3'" "H3'"  sing N N 102 
DC  "O3'" "HO3'" sing N N 103 
DC  "C2'" "C1'"  sing N N 104 
DC  "C2'" "H2'"  sing N N 105 
DC  "C2'" "H2''" sing N N 106 
DC  "C1'" N1     sing N N 107 
DC  "C1'" "H1'"  sing N N 108 
DC  N1    C2     sing N N 109 
DC  N1    C6     sing N N 110 
DC  C2    O2     doub N N 111 
DC  C2    N3     sing N N 112 
DC  N3    C4     doub N N 113 
DC  C4    N4     sing N N 114 
DC  C4    C5     sing N N 115 
DC  N4    H41    sing N N 116 
DC  N4    H42    sing N N 117 
DC  C5    C6     doub N N 118 
DC  C5    H5     sing N N 119 
DC  C6    H6     sing N N 120 
DG  OP3   P      sing N N 121 
DG  OP3   HOP3   sing N N 122 
DG  P     OP1    doub N N 123 
DG  P     OP2    sing N N 124 
DG  P     "O5'"  sing N N 125 
DG  OP2   HOP2   sing N N 126 
DG  "O5'" "C5'"  sing N N 127 
DG  "C5'" "C4'"  sing N N 128 
DG  "C5'" "H5'"  sing N N 129 
DG  "C5'" "H5''" sing N N 130 
DG  "C4'" "O4'"  sing N N 131 
DG  "C4'" "C3'"  sing N N 132 
DG  "C4'" "H4'"  sing N N 133 
DG  "O4'" "C1'"  sing N N 134 
DG  "C3'" "O3'"  sing N N 135 
DG  "C3'" "C2'"  sing N N 136 
DG  "C3'" "H3'"  sing N N 137 
DG  "O3'" "HO3'" sing N N 138 
DG  "C2'" "C1'"  sing N N 139 
DG  "C2'" "H2'"  sing N N 140 
DG  "C2'" "H2''" sing N N 141 
DG  "C1'" N9     sing N N 142 
DG  "C1'" "H1'"  sing N N 143 
DG  N9    C8     sing Y N 144 
DG  N9    C4     sing Y N 145 
DG  C8    N7     doub Y N 146 
DG  C8    H8     sing N N 147 
DG  N7    C5     sing Y N 148 
DG  C5    C6     sing N N 149 
DG  C5    C4     doub Y N 150 
DG  C6    O6     doub N N 151 
DG  C6    N1     sing N N 152 
DG  N1    C2     sing N N 153 
DG  N1    H1     sing N N 154 
DG  C2    N2     sing N N 155 
DG  C2    N3     doub N N 156 
DG  N2    H21    sing N N 157 
DG  N2    H22    sing N N 158 
DG  N3    C4     sing N N 159 
DU  OP3   P      sing N N 160 
DU  OP3   HOP3   sing N N 161 
DU  P     OP1    doub N N 162 
DU  P     OP2    sing N N 163 
DU  P     "O5'"  sing N N 164 
DU  OP2   HOP2   sing N N 165 
DU  "O5'" "C5'"  sing N N 166 
DU  "C5'" "C4'"  sing N N 167 
DU  "C5'" "H5'"  sing N N 168 
DU  "C5'" "H5''" sing N N 169 
DU  "C4'" "O4'"  sing N N 170 
DU  "C4'" "C3'"  sing N N 171 
DU  "C4'" "H4'"  sing N N 172 
DU  "O4'" "C1'"  sing N N 173 
DU  "C3'" "O3'"  sing N N 174 
DU  "C3'" "C2'"  sing N N 175 
DU  "C3'" "H3'"  sing N N 176 
DU  "O3'" "HO3'" sing N N 177 
DU  "C2'" "C1'"  sing N N 178 
DU  "C2'" "H2'"  sing N N 179 
DU  "C2'" "H2''" sing N N 180 
DU  "C1'" N1     sing N N 181 
DU  "C1'" "H1'"  sing N N 182 
DU  N1    C2     sing N N 183 
DU  N1    C6     sing N N 184 
DU  C2    O2     doub N N 185 
DU  C2    N3     sing N N 186 
DU  N3    C4     sing N N 187 
DU  N3    H3     sing N N 188 
DU  C4    O4     doub N N 189 
DU  C4    C5     sing N N 190 
DU  C5    C6     doub N N 191 
DU  C5    H5     sing N N 192 
DU  C6    H6     sing N N 193 
HOH O     H1     sing N N 194 
HOH O     H2     sing N N 195 
# 
_ndb_struct_conf_na.entry_id   367D 
_ndb_struct_conf_na.feature    'b-form double helix' 
# 
loop_
_ndb_struct_na_base_pair.model_number 
_ndb_struct_na_base_pair.i_label_asym_id 
_ndb_struct_na_base_pair.i_label_comp_id 
_ndb_struct_na_base_pair.i_label_seq_id 
_ndb_struct_na_base_pair.i_symmetry 
_ndb_struct_na_base_pair.j_label_asym_id 
_ndb_struct_na_base_pair.j_label_comp_id 
_ndb_struct_na_base_pair.j_label_seq_id 
_ndb_struct_na_base_pair.j_symmetry 
_ndb_struct_na_base_pair.shear 
_ndb_struct_na_base_pair.stretch 
_ndb_struct_na_base_pair.stagger 
_ndb_struct_na_base_pair.buckle 
_ndb_struct_na_base_pair.propeller 
_ndb_struct_na_base_pair.opening 
_ndb_struct_na_base_pair.pair_number 
_ndb_struct_na_base_pair.pair_name 
_ndb_struct_na_base_pair.i_auth_asym_id 
_ndb_struct_na_base_pair.i_auth_seq_id 
_ndb_struct_na_base_pair.i_PDB_ins_code 
_ndb_struct_na_base_pair.j_auth_asym_id 
_ndb_struct_na_base_pair.j_auth_seq_id 
_ndb_struct_na_base_pair.j_PDB_ins_code 
_ndb_struct_na_base_pair.hbond_type_28 
_ndb_struct_na_base_pair.hbond_type_12 
1 A DC 1 1_555 B DG 6 1_555 0.166  -0.187 0.198  0.529  -9.206  -2.483 1 A_DC1:DG12_B A 1 ? B 12 ? 19 1 
1 A DG 2 1_555 B DC 5 1_555 -0.290 -0.138 -0.011 -5.944 -3.141  -1.791 2 A_DG2:DC11_B A 2 ? B 11 ? 19 1 
1 A DU 3 1_555 B DA 4 1_555 -0.207 -0.193 -0.031 3.825  -12.364 -2.357 3 A_DU3:DA10_B A 3 ? B 10 ? 20 1 
1 A DA 4 1_555 B DU 3 1_555 0.201  -0.169 -0.071 -3.505 -11.807 -2.626 4 A_DA4:DU9_B  A 4 ? B 9  ? 20 1 
1 A DC 5 1_555 B DG 2 1_555 0.295  -0.129 -0.014 6.528  -3.246  -0.801 5 A_DC5:DG8_B  A 5 ? B 8  ? 19 1 
1 A DG 6 1_555 B DC 1 1_555 -0.113 -0.187 0.216  0.149  -8.904  -3.176 6 A_DG6:DC7_B  A 6 ? B 7  ? 19 1 
# 
loop_
_ndb_struct_na_base_pair_step.model_number 
_ndb_struct_na_base_pair_step.i_label_asym_id_1 
_ndb_struct_na_base_pair_step.i_label_comp_id_1 
_ndb_struct_na_base_pair_step.i_label_seq_id_1 
_ndb_struct_na_base_pair_step.i_symmetry_1 
_ndb_struct_na_base_pair_step.j_label_asym_id_1 
_ndb_struct_na_base_pair_step.j_label_comp_id_1 
_ndb_struct_na_base_pair_step.j_label_seq_id_1 
_ndb_struct_na_base_pair_step.j_symmetry_1 
_ndb_struct_na_base_pair_step.i_label_asym_id_2 
_ndb_struct_na_base_pair_step.i_label_comp_id_2 
_ndb_struct_na_base_pair_step.i_label_seq_id_2 
_ndb_struct_na_base_pair_step.i_symmetry_2 
_ndb_struct_na_base_pair_step.j_label_asym_id_2 
_ndb_struct_na_base_pair_step.j_label_comp_id_2 
_ndb_struct_na_base_pair_step.j_label_seq_id_2 
_ndb_struct_na_base_pair_step.j_symmetry_2 
_ndb_struct_na_base_pair_step.shift 
_ndb_struct_na_base_pair_step.slide 
_ndb_struct_na_base_pair_step.rise 
_ndb_struct_na_base_pair_step.tilt 
_ndb_struct_na_base_pair_step.roll 
_ndb_struct_na_base_pair_step.twist 
_ndb_struct_na_base_pair_step.x_displacement 
_ndb_struct_na_base_pair_step.y_displacement 
_ndb_struct_na_base_pair_step.helical_rise 
_ndb_struct_na_base_pair_step.inclination 
_ndb_struct_na_base_pair_step.tip 
_ndb_struct_na_base_pair_step.helical_twist 
_ndb_struct_na_base_pair_step.step_number 
_ndb_struct_na_base_pair_step.step_name 
_ndb_struct_na_base_pair_step.i_auth_asym_id_1 
_ndb_struct_na_base_pair_step.i_auth_seq_id_1 
_ndb_struct_na_base_pair_step.i_PDB_ins_code_1 
_ndb_struct_na_base_pair_step.j_auth_asym_id_1 
_ndb_struct_na_base_pair_step.j_auth_seq_id_1 
_ndb_struct_na_base_pair_step.j_PDB_ins_code_1 
_ndb_struct_na_base_pair_step.i_auth_asym_id_2 
_ndb_struct_na_base_pair_step.i_auth_seq_id_2 
_ndb_struct_na_base_pair_step.i_PDB_ins_code_2 
_ndb_struct_na_base_pair_step.j_auth_asym_id_2 
_ndb_struct_na_base_pair_step.j_auth_seq_id_2 
_ndb_struct_na_base_pair_step.j_PDB_ins_code_2 
1 A DC 1 1_555 B DG 6 1_555 A DG 2 1_555 B DC 5 1_555 0.215  0.449  6.821 1.392  1.085 23.291 0.335  0.461  6.835 2.683 -3.442 
23.357 1 AA_DC1DG2:DC11DG12_BB A 1 ? B 12 ? A 2 ? B 11 ? 
1 A DG 2 1_555 B DC 5 1_555 A DU 3 1_555 B DA 4 1_555 -0.731 -0.080 3.100 -0.491 0.558 30.756 -0.254 1.287  3.109 1.052 0.925  
30.765 2 AA_DG2DU3:DA10DC11_BB A 2 ? B 11 ? A 3 ? B 10 ? 
1 A DU 3 1_555 B DA 4 1_555 A DA 4 1_555 B DU 3 1_555 -0.007 1.231  3.426 0.386  0.446 43.361 1.621  0.049  3.437 0.604 -0.522 
43.365 3 AA_DU3DA4:DU9DA10_BB  A 3 ? B 10 ? A 4 ? B 9  ? 
1 A DA 4 1_555 B DU 3 1_555 A DC 5 1_555 B DG 2 1_555 0.764  -0.078 3.092 0.301  0.758 31.099 -0.283 -1.371 3.096 1.414 -0.561 
31.110 4 AA_DA4DC5:DG8DU9_BB   A 4 ? B 9  ? A 5 ? B 8  ? 
1 A DC 5 1_555 B DG 2 1_555 A DG 6 1_555 B DC 1 1_555 -0.276 0.473  6.807 -1.807 1.577 23.500 0.058  -0.583 6.824 3.860 4.421  
23.620 5 AA_DC5DG6:DC7DG8_BB   A 5 ? B 8  ? A 6 ? B 7  ? 
# 
_atom_sites.entry_id                    367D 
_atom_sites.fract_transf_matrix[1][1]   -0.03163750 
_atom_sites.fract_transf_matrix[1][2]   -0.02154189 
_atom_sites.fract_transf_matrix[1][3]   -0.00265987 
_atom_sites.fract_transf_matrix[2][1]   -0.01823042 
_atom_sites.fract_transf_matrix[2][2]   -0.00324430 
_atom_sites.fract_transf_matrix[2][3]   -0.03360287 
_atom_sites.fract_transf_matrix[3][1]   0.01418675 
_atom_sites.fract_transf_matrix[3][2]   -0.02012495 
_atom_sites.fract_transf_matrix[3][3]   -0.00575365 
_atom_sites.fract_transf_vector[1]      0.536729 
_atom_sites.fract_transf_vector[2]      0.045750 
_atom_sites.fract_transf_vector[3]      0.460160 
# 
loop_
_atom_type.symbol 
BR 
C  
N  
O  
P  
# 
loop_
_atom_site.group_PDB 
_atom_site.id 
_atom_site.type_symbol 
_atom_site.label_atom_id 
_atom_site.label_alt_id 
_atom_site.label_comp_id 
_atom_site.label_asym_id 
_atom_site.label_entity_id 
_atom_site.label_seq_id 
_atom_site.pdbx_PDB_ins_code 
_atom_site.Cartn_x 
_atom_site.Cartn_y 
_atom_site.Cartn_z 
_atom_site.occupancy 
_atom_site.B_iso_or_equiv 
_atom_site.pdbx_formal_charge 
_atom_site.auth_seq_id 
_atom_site.auth_comp_id 
_atom_site.auth_asym_id 
_atom_site.auth_atom_id 
_atom_site.pdbx_PDB_model_num 
ATOM   1   O  "O5'" . DC  A 1 1 ? -2.705  -10.861 -8.275  1.00 12.76  ? 1   DC  A "O5'" 1 
ATOM   2   C  "C5'" . DC  A 1 1 ? -2.585  -10.597 -9.652  1.00 11.68  ? 1   DC  A "C5'" 1 
ATOM   3   C  "C4'" . DC  A 1 1 ? -2.787  -9.079  -9.878  1.00 11.49  ? 1   DC  A "C4'" 1 
ATOM   4   O  "O4'" . DC  A 1 1 ? -4.084  -8.655  -9.479  1.00 11.41  ? 1   DC  A "O4'" 1 
ATOM   5   C  "C3'" . DC  A 1 1 ? -1.814  -8.160  -9.091  1.00 11.95  ? 1   DC  A "C3'" 1 
ATOM   6   O  "O3'" . DC  A 1 1 ? -0.656  -8.043  -9.926  1.00 13.18  ? 1   DC  A "O3'" 1 
ATOM   7   C  "C2'" . DC  A 1 1 ? -2.598  -6.832  -9.043  1.00 11.79  ? 1   DC  A "C2'" 1 
ATOM   8   C  "C1'" . DC  A 1 1 ? -3.982  -7.280  -8.863  1.00 12.50  ? 1   DC  A "C1'" 1 
ATOM   9   N  N1    . DC  A 1 1 ? -4.680  -7.430  -7.568  1.00 10.49  ? 1   DC  A N1    1 
ATOM   10  C  C2    . DC  A 1 1 ? -5.489  -6.427  -7.166  1.00 10.05  ? 1   DC  A C2    1 
ATOM   11  O  O2    . DC  A 1 1 ? -5.638  -5.390  -7.910  1.00 10.74  ? 1   DC  A O2    1 
ATOM   12  N  N3    . DC  A 1 1 ? -6.175  -6.495  -6.004  1.00 9.91   ? 1   DC  A N3    1 
ATOM   13  C  C4    . DC  A 1 1 ? -6.010  -7.600  -5.259  1.00 11.03  ? 1   DC  A C4    1 
ATOM   14  N  N4    . DC  A 1 1 ? -6.681  -7.647  -4.096  1.00 11.48  ? 1   DC  A N4    1 
ATOM   15  C  C5    . DC  A 1 1 ? -5.150  -8.674  -5.622  1.00 11.08  ? 1   DC  A C5    1 
ATOM   16  C  C6    . DC  A 1 1 ? -4.493  -8.564  -6.818  1.00 11.97  ? 1   DC  A C6    1 
ATOM   17  P  P     . DG  A 1 2 ? 0.764   -7.616  -9.323  1.00 14.39  ? 2   DG  A P     1 
ATOM   18  O  OP1   . DG  A 1 2 ? 1.769   -7.745  -10.459 1.00 16.04  ? 2   DG  A OP1   1 
ATOM   19  O  OP2   . DG  A 1 2 ? 1.001   -8.384  -8.098  1.00 16.87  ? 2   DG  A OP2   1 
ATOM   20  O  "O5'" . DG  A 1 2 ? 0.536   -6.084  -9.008  1.00 15.87  ? 2   DG  A "O5'" 1 
ATOM   21  C  "C5'" . DG  A 1 2 ? 1.639   -5.288  -8.623  1.00 16.00  ? 2   DG  A "C5'" 1 
ATOM   22  C  "C4'" . DG  A 1 2 ? 1.187   -3.802  -8.583  1.00 16.67  ? 2   DG  A "C4'" 1 
ATOM   23  O  "O4'" . DG  A 1 2 ? 0.284   -3.578  -7.493  1.00 17.36  ? 2   DG  A "O4'" 1 
ATOM   24  C  "C3'" . DG  A 1 2 ? 2.371   -2.831  -8.268  1.00 17.31  ? 2   DG  A "C3'" 1 
ATOM   25  O  "O3'" . DG  A 1 2 ? 1.960   -1.617  -8.895  1.00 18.92  ? 2   DG  A "O3'" 1 
ATOM   26  C  "C2'" . DG  A 1 2 ? 2.339   -2.707  -6.745  1.00 18.77  ? 2   DG  A "C2'" 1 
ATOM   27  C  "C1'" . DG  A 1 2 ? 0.898   -2.738  -6.412  1.00 18.40  ? 2   DG  A "C1'" 1 
ATOM   28  N  N9    . DG  A 1 2 ? 0.434   -3.463  -5.156  1.00 16.32  ? 2   DG  A N9    1 
ATOM   29  C  C8    . DG  A 1 2 ? 0.782   -4.749  -4.701  1.00 17.76  ? 2   DG  A C8    1 
ATOM   30  N  N7    . DG  A 1 2 ? 0.186   -5.026  -3.584  1.00 16.39  ? 2   DG  A N7    1 
ATOM   31  C  C5    . DG  A 1 2 ? -0.580  -3.936  -3.252  1.00 13.89  ? 2   DG  A C5    1 
ATOM   32  C  C6    . DG  A 1 2 ? -1.417  -3.757  -2.117  1.00 12.47  ? 2   DG  A C6    1 
ATOM   33  O  O6    . DG  A 1 2 ? -1.623  -4.560  -1.195  1.00 14.40  ? 2   DG  A O6    1 
ATOM   34  N  N1    . DG  A 1 2 ? -2.039  -2.516  -2.123  1.00 11.40  ? 2   DG  A N1    1 
ATOM   35  C  C2    . DG  A 1 2 ? -1.844  -1.586  -3.129  1.00 11.06  ? 2   DG  A C2    1 
ATOM   36  N  N2    . DG  A 1 2 ? -2.534  -0.431  -2.963  1.00 12.79  ? 2   DG  A N2    1 
ATOM   37  N  N3    . DG  A 1 2 ? -1.058  -1.775  -4.180  1.00 12.94  ? 2   DG  A N3    1 
ATOM   38  C  C4    . DG  A 1 2 ? -0.451  -2.959  -4.188  1.00 12.90  ? 2   DG  A C4    1 
ATOM   39  P  P     . DU  A 1 3 ? 2.979   -0.348  -8.935  1.00 22.97  ? 3   DU  A P     1 
ATOM   40  O  OP1   . DU  A 1 3 ? 2.684   0.429   -10.116 1.00 28.04  ? 3   DU  A OP1   1 
ATOM   41  O  OP2   . DU  A 1 3 ? 4.307   -0.836  -8.508  1.00 26.81  ? 3   DU  A OP2   1 
ATOM   42  O  "O5'" . DU  A 1 3 ? 2.376   0.471   -7.718  1.00 23.11  ? 3   DU  A "O5'" 1 
ATOM   43  C  "C5'" . DU  A 1 3 ? 1.130   1.112   -7.947  1.00 22.17  ? 3   DU  A "C5'" 1 
ATOM   44  C  "C4'" . DU  A 1 3 ? 1.017   2.047   -6.691  1.00 23.88  ? 3   DU  A "C4'" 1 
ATOM   45  O  "O4'" . DU  A 1 3 ? 0.823   1.193   -5.552  1.00 22.95  ? 3   DU  A "O4'" 1 
ATOM   46  C  "C3'" . DU  A 1 3 ? 2.378   2.737   -6.355  1.00 28.25  ? 3   DU  A "C3'" 1 
ATOM   47  O  "O3'" . DU  A 1 3 ? 1.954   3.981   -5.799  1.00 35.13  ? 3   DU  A "O3'" 1 
ATOM   48  C  "C2'" . DU  A 1 3 ? 2.949   1.982   -5.126  1.00 25.83  ? 3   DU  A "C2'" 1 
ATOM   49  C  "C1'" . DU  A 1 3 ? 1.625   1.798   -4.417  1.00 25.00  ? 3   DU  A "C1'" 1 
ATOM   50  N  N1    . DU  A 1 3 ? 1.647   0.716   -3.561  1.00 22.59  ? 3   DU  A N1    1 
ATOM   51  C  C2    . DU  A 1 3 ? 0.781   0.653   -2.469  1.00 20.30  ? 3   DU  A C2    1 
ATOM   52  O  O2    . DU  A 1 3 ? -0.014  1.543   -2.245  1.00 20.06  ? 3   DU  A O2    1 
ATOM   53  N  N3    . DU  A 1 3 ? 0.929   -0.476  -1.724  1.00 20.54  ? 3   DU  A N3    1 
ATOM   54  C  C4    . DU  A 1 3 ? 1.762   -1.552  -1.846  1.00 19.90  ? 3   DU  A C4    1 
ATOM   55  O  O4    . DU  A 1 3 ? 1.848   -2.547  -1.135  1.00 24.01  ? 3   DU  A O4    1 
ATOM   56  C  C5    . DU  A 1 3 ? 2.619   -1.406  -2.994  1.00 22.55  ? 3   DU  A C5    1 
ATOM   57  C  C6    . DU  A 1 3 ? 2.502   -0.330  -3.733  1.00 21.80  ? 3   DU  A C6    1 
ATOM   58  P  P     . DA  A 1 4 ? 2.590   5.450   -6.153  1.00 33.81  ? 4   DA  A P     1 
ATOM   59  O  OP1   . DA  A 1 4 ? 1.468   5.932   -7.153  1.00 29.79  ? 4   DA  A OP1   1 
ATOM   60  O  OP2   . DA  A 1 4 ? 4.057   5.307   -5.643  1.00 33.95  ? 4   DA  A OP2   1 
ATOM   61  O  "O5'" . DA  A 1 4 ? 1.968   6.210   -4.883  1.00 26.07  ? 4   DA  A "O5'" 1 
ATOM   62  C  "C5'" . DA  A 1 4 ? 0.542   6.276   -4.798  1.00 21.43  ? 4   DA  A "C5'" 1 
ATOM   63  C  "C4'" . DA  A 1 4 ? 0.336   6.602   -3.271  1.00 16.13  ? 4   DA  A "C4'" 1 
ATOM   64  O  "O4'" . DA  A 1 4 ? 0.655   5.448   -2.524  1.00 16.09  ? 4   DA  A "O4'" 1 
ATOM   65  C  "C3'" . DA  A 1 4 ? 1.280   7.712   -2.714  1.00 14.32  ? 4   DA  A "C3'" 1 
ATOM   66  O  "O3'" . DA  A 1 4 ? 0.457   8.521   -1.893  1.00 13.39  ? 4   DA  A "O3'" 1 
ATOM   67  C  "C2'" . DA  A 1 4 ? 2.340   6.981   -1.886  1.00 14.51  ? 4   DA  A "C2'" 1 
ATOM   68  C  "C1'" . DA  A 1 4 ? 1.621   5.758   -1.432  1.00 12.52  ? 4   DA  A "C1'" 1 
ATOM   69  N  N9    . DA  A 1 4 ? 2.411   4.505   -1.396  1.00 11.73  ? 4   DA  A N9    1 
ATOM   70  C  C8    . DA  A 1 4 ? 3.414   4.057   -2.238  1.00 12.86  ? 4   DA  A C8    1 
ATOM   71  N  N7    . DA  A 1 4 ? 3.940   2.876   -1.950  1.00 14.44  ? 4   DA  A N7    1 
ATOM   72  C  C5    . DA  A 1 4 ? 3.184   2.508   -0.790  1.00 12.27  ? 4   DA  A C5    1 
ATOM   73  C  C6    . DA  A 1 4 ? 3.226   1.362   0.020   1.00 13.63  ? 4   DA  A C6    1 
ATOM   74  N  N6    . DA  A 1 4 ? 4.098   0.360   -0.236  1.00 14.79  ? 4   DA  A N6    1 
ATOM   75  N  N1    . DA  A 1 4 ? 2.367   1.304   1.066   1.00 13.32  ? 4   DA  A N1    1 
ATOM   76  C  C2    . DA  A 1 4 ? 1.510   2.306   1.304   1.00 12.83  ? 4   DA  A C2    1 
ATOM   77  N  N3    . DA  A 1 4 ? 1.399   3.446   0.574   1.00 11.79  ? 4   DA  A N3    1 
ATOM   78  C  C4    . DA  A 1 4 ? 2.249   3.503   -0.455  1.00 11.86  ? 4   DA  A C4    1 
ATOM   79  P  P     . DC  A 1 5 ? 1.048   9.734   -1.023  1.00 12.59  ? 5   DC  A P     1 
ATOM   80  O  OP1   . DC  A 1 5 ? -0.047  10.675  -0.736  1.00 13.49  ? 5   DC  A OP1   1 
ATOM   81  O  OP2   . DC  A 1 5 ? 2.261   10.278  -1.619  1.00 15.27  ? 5   DC  A OP2   1 
ATOM   82  O  "O5'" . DC  A 1 5 ? 1.486   8.992   0.331   1.00 11.67  ? 5   DC  A "O5'" 1 
ATOM   83  C  "C5'" . DC  A 1 5 ? 0.454   8.490   1.154   1.00 11.23  ? 5   DC  A "C5'" 1 
ATOM   84  C  "C4'" . DC  A 1 5 ? 1.159   7.901   2.420   1.00 11.09  ? 5   DC  A "C4'" 1 
ATOM   85  O  "O4'" . DC  A 1 5 ? 1.901   6.737   2.041   1.00 11.21  ? 5   DC  A "O4'" 1 
ATOM   86  C  "C3'" . DC  A 1 5 ? 2.211   8.892   3.023   1.00 11.98  ? 5   DC  A "C3'" 1 
ATOM   87  O  "O3'" . DC  A 1 5 ? 2.000   8.836   4.433   1.00 13.05  ? 5   DC  A "O3'" 1 
ATOM   88  C  "C2'" . DC  A 1 5 ? 3.557   8.241   2.663   1.00 13.19  ? 5   DC  A "C2'" 1 
ATOM   89  C  "C1'" . DC  A 1 5 ? 3.215   6.772   2.674   1.00 11.84  ? 5   DC  A "C1'" 1 
ATOM   90  N  N1    . DC  A 1 5 ? 4.105   5.816   2.042   1.00 11.37  ? 5   DC  A N1    1 
ATOM   91  C  C2    . DC  A 1 5 ? 4.220   4.527   2.546   1.00 10.63  ? 5   DC  A C2    1 
ATOM   92  O  O2    . DC  A 1 5 ? 3.553   4.215   3.551   1.00 11.52  ? 5   DC  A O2    1 
ATOM   93  N  N3    . DC  A 1 5 ? 5.037   3.616   1.975   1.00 11.17  ? 5   DC  A N3    1 
ATOM   94  C  C4    . DC  A 1 5 ? 5.727   4.035   0.887   1.00 11.50  ? 5   DC  A C4    1 
ATOM   95  N  N4    . DC  A 1 5 ? 6.516   3.080   0.372   1.00 13.25  ? 5   DC  A N4    1 
ATOM   96  C  C5    . DC  A 1 5 ? 5.619   5.328   0.348   1.00 12.50  ? 5   DC  A C5    1 
ATOM   97  C  C6    . DC  A 1 5 ? 4.807   6.229   0.920   1.00 11.63  ? 5   DC  A C6    1 
ATOM   98  P  P     . DG  A 1 6 ? 2.387   10.126  5.346   1.00 14.61  ? 6   DG  A P     1 
ATOM   99  O  OP1   . DG  A 1 6 ? 1.103   10.819  5.761   1.00 17.66  ? 6   DG  A OP1   1 
ATOM   100 O  OP2   . DG  A 1 6 ? 3.359   10.946  4.697   1.00 15.70  ? 6   DG  A OP2   1 
ATOM   101 O  "O5'" . DG  A 1 6 ? 2.873   9.425   6.637   1.00 21.06  ? 6   DG  A "O5'" 1 
ATOM   102 C  "C5'" . DG  A 1 6 ? 3.803   8.437   6.721   1.00 22.06  ? 6   DG  A "C5'" 1 
ATOM   103 C  "C4'" . DG  A 1 6 ? 4.360   8.430   8.201   1.00 15.52  ? 6   DG  A "C4'" 1 
ATOM   104 O  "O4'" . DG  A 1 6 ? 5.594   7.711   7.970   1.00 14.24  ? 6   DG  A "O4'" 1 
ATOM   105 C  "C3'" . DG  A 1 6 ? 4.826   9.819   8.723   1.00 16.65  ? 6   DG  A "C3'" 1 
ATOM   106 O  "O3'" . DG  A 1 6 ? 4.690   9.770   10.155  1.00 18.81  ? 6   DG  A "O3'" 1 
ATOM   107 C  "C2'" . DG  A 1 6 ? 6.292   9.915   8.348   1.00 14.78  ? 6   DG  A "C2'" 1 
ATOM   108 C  "C1'" . DG  A 1 6 ? 6.753   8.496   8.413   1.00 13.18  ? 6   DG  A "C1'" 1 
ATOM   109 N  N9    . DG  A 1 6 ? 7.803   8.092   7.365   1.00 11.99  ? 6   DG  A N9    1 
ATOM   110 C  C8    . DG  A 1 6 ? 8.317   8.785   6.304   1.00 12.88  ? 6   DG  A C8    1 
ATOM   111 N  N7    . DG  A 1 6 ? 9.205   8.106   5.628   1.00 12.88  ? 6   DG  A N7    1 
ATOM   112 C  C5    . DG  A 1 6 ? 9.305   6.885   6.259   1.00 11.57  ? 6   DG  A C5    1 
ATOM   113 C  C6    . DG  A 1 6 ? 10.100  5.767   5.963   1.00 11.22  ? 6   DG  A C6    1 
ATOM   114 O  O6    . DG  A 1 6 ? 10.911  5.622   5.054   1.00 11.81  ? 6   DG  A O6    1 
ATOM   115 N  N1    . DG  A 1 6 ? 9.887   4.713   6.882   1.00 9.76   ? 6   DG  A N1    1 
ATOM   116 C  C2    . DG  A 1 6 ? 9.007   4.760   7.939   1.00 9.65   ? 6   DG  A C2    1 
ATOM   117 N  N2    . DG  A 1 6 ? 8.980   3.623   8.672   1.00 10.84  ? 6   DG  A N2    1 
ATOM   118 N  N3    . DG  A 1 6 ? 8.261   5.820   8.200   1.00 10.66  ? 6   DG  A N3    1 
ATOM   119 C  C4    . DG  A 1 6 ? 8.446   6.839   7.345   1.00 10.30  ? 6   DG  A C4    1 
ATOM   120 O  "O5'" . DC  B 1 1 ? 14.485  -2.736  5.912   1.00 13.56  ? 7   DC  B "O5'" 1 
ATOM   121 C  "C5'" . DC  B 1 1 ? 14.587  -3.314  7.185   1.00 12.42  ? 7   DC  B "C5'" 1 
ATOM   122 C  "C4'" . DC  B 1 1 ? 13.364  -2.842  8.016   1.00 10.48  ? 7   DC  B "C4'" 1 
ATOM   123 O  "O4'" . DC  B 1 1 ? 13.367  -1.432  8.107   1.00 11.99  ? 7   DC  B "O4'" 1 
ATOM   124 C  "C3'" . DC  B 1 1 ? 11.969  -3.161  7.401   1.00 12.10  ? 7   DC  B "C3'" 1 
ATOM   125 O  "O3'" . DC  B 1 1 ? 11.668  -4.476  7.887   1.00 12.85  ? 7   DC  B "O3'" 1 
ATOM   126 C  "C2'" . DC  B 1 1 ? 11.081  -2.093  8.050   1.00 13.38  ? 7   DC  B "C2'" 1 
ATOM   127 C  "C1'" . DC  B 1 1 ? 11.955  -0.916  8.081   1.00 12.70  ? 7   DC  B "C1'" 1 
ATOM   128 N  N1    . DC  B 1 1 ? 12.023  0.152   7.018   1.00 10.79  ? 7   DC  B N1    1 
ATOM   129 C  C2    . DC  B 1 1 ? 11.279  1.299   7.255   1.00 9.81   ? 7   DC  B C2    1 
ATOM   130 O  O2    . DC  B 1 1 ? 10.618  1.440   8.305   1.00 10.49  ? 7   DC  B O2    1 
ATOM   131 N  N3    . DC  B 1 1 ? 11.307  2.290   6.336   1.00 9.44   ? 7   DC  B N3    1 
ATOM   132 C  C4    . DC  B 1 1 ? 12.029  2.143   5.231   1.00 10.36  ? 7   DC  B C4    1 
ATOM   133 N  N4    . DC  B 1 1 ? 12.059  3.108   4.302   1.00 12.20  ? 7   DC  B N4    1 
ATOM   134 C  C5    . DC  B 1 1 ? 12.783  0.973   4.925   1.00 10.88  ? 7   DC  B C5    1 
ATOM   135 C  C6    . DC  B 1 1 ? 12.736  -0.002  5.885   1.00 11.24  ? 7   DC  B C6    1 
ATOM   136 P  P     . DG  B 1 2 ? 10.605  -5.380  7.131   1.00 14.50  ? 8   DG  B P     1 
ATOM   137 O  OP1   . DG  B 1 2 ? 10.632  -6.727  7.852   1.00 16.23  ? 8   DG  B OP1   1 
ATOM   138 O  OP2   . DG  B 1 2 ? 10.820  -5.348  5.702   1.00 17.72  ? 8   DG  B OP2   1 
ATOM   139 O  "O5'" . DG  B 1 2 ? 9.230   -4.651  7.488   1.00 15.63  ? 8   DG  B "O5'" 1 
ATOM   140 C  "C5'" . DG  B 1 2 ? 8.019   -5.284  7.208   1.00 16.30  ? 8   DG  B "C5'" 1 
ATOM   141 C  "C4'" . DG  B 1 2 ? 6.836   -4.462  7.739   1.00 15.81  ? 8   DG  B "C4'" 1 
ATOM   142 O  "O4'" . DG  B 1 2 ? 6.700   -3.213  7.081   1.00 17.49  ? 8   DG  B "O4'" 1 
ATOM   143 C  "C3'" . DG  B 1 2 ? 5.447   -5.150  7.533   1.00 17.99  ? 8   DG  B "C3'" 1 
ATOM   144 O  "O3'" . DG  B 1 2 ? 4.720   -4.717  8.674   1.00 18.87  ? 8   DG  B "O3'" 1 
ATOM   145 C  "C2'" . DG  B 1 2 ? 4.906   -4.514  6.256   1.00 19.20  ? 8   DG  B "C2'" 1 
ATOM   146 C  "C1'" . DG  B 1 2 ? 5.408   -3.131  6.310   1.00 16.83  ? 8   DG  B "C1'" 1 
ATOM   147 N  N9    . DG  B 1 2 ? 5.947   -2.492  5.000   1.00 14.70  ? 8   DG  B N9    1 
ATOM   148 C  C8    . DG  B 1 2 ? 6.843   -2.976  4.047   1.00 17.32  ? 8   DG  B C8    1 
ATOM   149 N  N7    . DG  B 1 2 ? 7.052   -2.145  3.077   1.00 16.23  ? 8   DG  B N7    1 
ATOM   150 C  C5    . DG  B 1 2 ? 6.259   -1.026  3.375   1.00 14.10  ? 8   DG  B C5    1 
ATOM   151 C  C6    . DG  B 1 2 ? 6.124   0.178   2.626   1.00 13.99  ? 8   DG  B C6    1 
ATOM   152 O  O6    . DG  B 1 2 ? 6.686   0.488   1.543   1.00 15.05  ? 8   DG  B O6    1 
ATOM   153 N  N1    . DG  B 1 2 ? 5.252   1.058   3.233   1.00 10.93  ? 8   DG  B N1    1 
ATOM   154 C  C2    . DG  B 1 2 ? 4.602   0.783   4.417   1.00 11.12  ? 8   DG  B C2    1 
ATOM   155 N  N2    . DG  B 1 2 ? 3.780   1.771   4.863   1.00 13.03  ? 8   DG  B N2    1 
ATOM   156 N  N3    . DG  B 1 2 ? 4.738   -0.342  5.105   1.00 12.72  ? 8   DG  B N3    1 
ATOM   157 C  C4    . DG  B 1 2 ? 5.574   -1.220  4.543   1.00 13.42  ? 8   DG  B C4    1 
ATOM   158 P  P     . DU  B 1 3 ? 3.191   -5.251  8.871   1.00 23.20  ? 9   DU  B P     1 
ATOM   159 O  OP1   . DU  B 1 3 ? 2.912   -5.268  10.314  1.00 27.97  ? 9   DU  B OP1   1 
ATOM   160 O  OP2   . DU  B 1 3 ? 2.984   -6.409  7.980   1.00 28.62  ? 9   DU  B OP2   1 
ATOM   161 O  "O5'" . DU  B 1 3 ? 2.403   -4.026  8.263   1.00 22.05  ? 9   DU  B "O5'" 1 
ATOM   162 C  "C5'" . DU  B 1 3 ? 2.274   -2.825  9.000   1.00 22.83  ? 9   DU  B "C5'" 1 
ATOM   163 C  "C4'" . DU  B 1 3 ? 1.166   -2.074  8.188   1.00 23.88  ? 9   DU  B "C4'" 1 
ATOM   164 O  "O4'" . DU  B 1 3 ? 1.741   -1.708  6.910   1.00 23.55  ? 9   DU  B "O4'" 1 
ATOM   165 C  "C3'" . DU  B 1 3 ? 0.003   -3.048  7.783   1.00 28.28  ? 9   DU  B "C3'" 1 
ATOM   166 O  "O3'" . DU  B 1 3 ? -1.127  -2.175  7.840   1.00 34.42  ? 9   DU  B "O3'" 1 
ATOM   167 C  "C2'" . DU  B 1 3 ? 0.186   -3.297  6.262   1.00 25.41  ? 9   DU  B "C2'" 1 
ATOM   168 C  "C1'" . DU  B 1 3 ? 0.600   -1.876  5.918   1.00 26.15  ? 9   DU  B "C1'" 1 
ATOM   169 N  N1    . DU  B 1 3 ? 1.358   -1.865  4.743   1.00 22.79  ? 9   DU  B N1    1 
ATOM   170 C  C2    . DU  B 1 3 ? 1.435   -0.700  3.992   1.00 19.64  ? 9   DU  B C2    1 
ATOM   171 O  O2    . DU  B 1 3 ? 0.877   0.357   4.299   1.00 19.86  ? 9   DU  B O2    1 
ATOM   172 N  N3    . DU  B 1 3 ? 2.215   -0.877  2.883   1.00 20.23  ? 9   DU  B N3    1 
ATOM   173 C  C4    . DU  B 1 3 ? 2.896   -1.957  2.407   1.00 19.54  ? 9   DU  B C4    1 
ATOM   174 O  O4    . DU  B 1 3 ? 3.571   -2.041  1.403   1.00 21.33  ? 9   DU  B O4    1 
ATOM   175 C  C5    . DU  B 1 3 ? 2.759   -3.123  3.247   1.00 22.29  ? 9   DU  B C5    1 
ATOM   176 C  C6    . DU  B 1 3 ? 2.011   -2.982  4.325   1.00 21.34  ? 9   DU  B C6    1 
ATOM   177 P  P     . DA  B 1 4 ? -2.586  -2.522  8.398   1.00 29.35  ? 10  DA  B P     1 
ATOM   178 O  OP1   . DA  B 1 4 ? -2.601  -2.218  9.832   1.00 36.73  ? 10  DA  B OP1   1 
ATOM   179 O  OP2   . DA  B 1 4 ? -3.175  -3.634  7.551   1.00 33.66  ? 10  DA  B OP2   1 
ATOM   180 O  "O5'" . DA  B 1 4 ? -3.297  -1.212  7.784   1.00 27.25  ? 10  DA  B "O5'" 1 
ATOM   181 C  "C5'" . DA  B 1 4 ? -2.847  0.093   8.108   1.00 23.27  ? 10  DA  B "C5'" 1 
ATOM   182 C  "C4'" . DA  B 1 4 ? -3.482  0.969   6.952   1.00 17.80  ? 10  DA  B "C4'" 1 
ATOM   183 O  "O4'" . DA  B 1 4 ? -2.736  0.688   5.777   1.00 17.16  ? 10  DA  B "O4'" 1 
ATOM   184 C  "C3'" . DA  B 1 4 ? -4.953  0.628   6.616   1.00 15.60  ? 10  DA  B "C3'" 1 
ATOM   185 O  "O3'" . DA  B 1 4 ? -5.586  1.887   6.410   1.00 12.82  ? 10  DA  B "O3'" 1 
ATOM   186 C  "C2'" . DA  B 1 4 ? -4.904  -0.194  5.326   1.00 14.89  ? 10  DA  B "C2'" 1 
ATOM   187 C  "C1'" . DA  B 1 4 ? -3.653  0.298   4.689   1.00 14.04  ? 10  DA  B "C1'" 1 
ATOM   188 N  N9    . DA  B 1 4 ? -2.837  -0.730  3.992   1.00 12.19  ? 10  DA  B N9    1 
ATOM   189 C  C8    . DA  B 1 4 ? -2.598  -2.047  4.319   1.00 11.63  ? 10  DA  B C8    1 
ATOM   190 N  N7    . DA  B 1 4 ? -1.822  -2.681  3.477   1.00 14.08  ? 10  DA  B N7    1 
ATOM   191 C  C5    . DA  B 1 4 ? -1.525  -1.738  2.539   1.00 12.64  ? 10  DA  B C5    1 
ATOM   192 C  C6    . DA  B 1 4 ? -0.717  -1.832  1.365   1.00 13.14  ? 10  DA  B C6    1 
ATOM   193 N  N6    . DA  B 1 4 ? -0.071  -2.969  0.986   1.00 15.15  ? 10  DA  B N6    1 
ATOM   194 N  N1    . DA  B 1 4 ? -0.620  -0.690  0.625   1.00 13.53  ? 10  DA  B N1    1 
ATOM   195 C  C2    . DA  B 1 4 ? -1.246  0.409   1.000   1.00 12.08  ? 10  DA  B C2    1 
ATOM   196 N  N3    . DA  B 1 4 ? -2.040  0.616   2.095   1.00 11.80  ? 10  DA  B N3    1 
ATOM   197 C  C4    . DA  B 1 4 ? -2.135  -0.508  2.812   1.00 12.29  ? 10  DA  B C4    1 
ATOM   198 P  P     . DC  B 1 5 ? -7.115  1.988   5.903   1.00 12.76  ? 11  DC  B P     1 
ATOM   199 O  OP1   . DC  B 1 5 ? -7.584  3.320   6.266   1.00 13.53  ? 11  DC  B OP1   1 
ATOM   200 O  OP2   . DC  B 1 5 ? -7.894  0.841   6.311   1.00 14.77  ? 11  DC  B OP2   1 
ATOM   201 O  "O5'" . DC  B 1 5 ? -6.965  1.877   4.307   1.00 12.14  ? 11  DC  B "O5'" 1 
ATOM   202 C  "C5'" . DC  B 1 5 ? -6.321  2.953   3.653   1.00 11.16  ? 11  DC  B "C5'" 1 
ATOM   203 C  "C4'" . DC  B 1 5 ? -6.393  2.664   2.105   1.00 10.67  ? 11  DC  B "C4'" 1 
ATOM   204 O  "O4'" . DC  B 1 5 ? -5.540  1.546   1.877   1.00 11.20  ? 11  DC  B "O4'" 1 
ATOM   205 C  "C3'" . DC  B 1 5 ? -7.826  2.184   1.706   1.00 11.75  ? 11  DC  B "C3'" 1 
ATOM   206 O  "O3'" . DC  B 1 5 ? -8.080  2.878   0.485   1.00 13.16  ? 11  DC  B "O3'" 1 
ATOM   207 C  "C2'" . DC  B 1 5 ? -7.652  0.680   1.437   1.00 12.93  ? 11  DC  B "C2'" 1 
ATOM   208 C  "C1'" . DC  B 1 5 ? -6.207  0.609   0.986   1.00 12.29  ? 11  DC  B "C1'" 1 
ATOM   209 N  N1    . DC  B 1 5 ? -5.548  -0.672  1.009   1.00 12.85  ? 11  DC  B N1    1 
ATOM   210 C  C2    . DC  B 1 5 ? -4.570  -0.941  0.040   1.00 11.13  ? 11  DC  B C2    1 
ATOM   211 O  O2    . DC  B 1 5 ? -4.335  -0.039  -0.786  1.00 11.65  ? 11  DC  B O2    1 
ATOM   212 N  N3    . DC  B 1 5 ? -3.899  -2.111  -0.011  1.00 11.07  ? 11  DC  B N3    1 
ATOM   213 C  C4    . DC  B 1 5 ? -4.248  -3.010  0.945   1.00 11.43  ? 11  DC  B C4    1 
ATOM   214 N  N4    . DC  B 1 5 ? -3.591  -4.191  0.908   1.00 14.24  ? 11  DC  B N4    1 
ATOM   215 C  C5    . DC  B 1 5 ? -5.215  -2.766  1.926   1.00 12.77  ? 11  DC  B C5    1 
ATOM   216 C  C6    . DC  B 1 5 ? -5.880  -1.596  1.981   1.00 12.60  ? 11  DC  B C6    1 
ATOM   217 P  P     . DG  B 1 6 ? -9.602  3.210   0.006   1.00 14.31  ? 12  DG  B P     1 
ATOM   218 O  OP1   . DG  B 1 6 ? -9.791  4.704   0.258   1.00 19.16  ? 12  DG  B OP1   1 
ATOM   219 O  OP2   . DG  B 1 6 ? -10.534 2.350   0.608   1.00 15.28  ? 12  DG  B OP2   1 
ATOM   220 O  "O5'" . DG  B 1 6 ? -9.443  3.143   -1.533  1.00 19.35  ? 12  DG  B "O5'" 1 
ATOM   221 C  "C5'" . DG  B 1 6 ? -9.201  1.913   -2.091  1.00 20.95  ? 12  DG  B "C5'" 1 
ATOM   222 C  "C4'" . DG  B 1 6 ? -9.583  2.022   -3.630  1.00 16.58  ? 12  DG  B "C4'" 1 
ATOM   223 O  "O4'" . DG  B 1 6 ? -9.279  0.674   -4.031  1.00 14.24  ? 12  DG  B "O4'" 1 
ATOM   224 C  "C3'" . DG  B 1 6 ? -11.130 2.159   -3.783  1.00 17.87  ? 12  DG  B "C3'" 1 
ATOM   225 O  "O3'" . DG  B 1 6 ? -11.345 2.767   -5.057  1.00 18.70  ? 12  DG  B "O3'" 1 
ATOM   226 C  "C2'" . DG  B 1 6 ? -11.652 0.726   -3.783  1.00 15.68  ? 12  DG  B "C2'" 1 
ATOM   227 C  "C1'" . DG  B 1 6 ? -10.527 -0.029  -4.415  1.00 14.89  ? 12  DG  B "C1'" 1 
ATOM   228 N  N9    . DG  B 1 6 ? -10.268 -1.453  -3.947  1.00 11.48  ? 12  DG  B N9    1 
ATOM   229 C  C8    . DG  B 1 6 ? -10.838 -2.100  -2.863  1.00 13.27  ? 12  DG  B C8    1 
ATOM   230 N  N7    . DG  B 1 6 ? -10.404 -3.330  -2.724  1.00 12.49  ? 12  DG  B N7    1 
ATOM   231 C  C5    . DG  B 1 6 ? -9.504  -3.499  -3.775  1.00 11.01  ? 12  DG  B C5    1 
ATOM   232 C  C6    . DG  B 1 6 ? -8.722  -4.591  -4.142  1.00 10.84  ? 12  DG  B C6    1 
ATOM   233 O  O6    . DG  B 1 6 ? -8.682  -5.694  -3.578  1.00 11.54  ? 12  DG  B O6    1 
ATOM   234 N  N1    . DG  B 1 6 ? -7.907  -4.404  -5.281  1.00 9.60   ? 12  DG  B N1    1 
ATOM   235 C  C2    . DG  B 1 6 ? -7.889  -3.201  -5.978  1.00 9.04   ? 12  DG  B C2    1 
ATOM   236 N  N2    . DG  B 1 6 ? -7.077  -3.167  -7.026  1.00 11.49  ? 12  DG  B N2    1 
ATOM   237 N  N3    . DG  B 1 6 ? -8.630  -2.163  -5.620  1.00 10.54  ? 12  DG  B N3    1 
ATOM   238 C  C4    . DG  B 1 6 ? -9.400  -2.340  -4.547  1.00 9.69   ? 12  DG  B C4    1 
HETATM 239 C  C1    . DA5 C 2 . ? -3.602  -3.298  -5.511  1.00 19.48  ? 14  DA5 A C1    1 
HETATM 240 C  C2    . DA5 C 2 . ? -2.788  -4.458  -5.806  1.00 18.56  ? 14  DA5 A C2    1 
HETATM 241 C  C3    . DA5 C 2 . ? -2.873  -5.513  -5.009  1.00 20.22  ? 14  DA5 A C3    1 
HETATM 242 C  C4    . DA5 C 2 . ? -3.706  -5.585  -3.920  1.00 17.07  ? 14  DA5 A C4    1 
HETATM 243 C  C5    . DA5 C 2 . ? -6.973  -3.432  -1.264  1.00 16.24  ? 14  DA5 A C5    1 
HETATM 244 C  C6    . DA5 C 2 . ? -7.832  -2.397  -0.859  1.00 15.62  ? 14  DA5 A C6    1 
HETATM 245 C  C7    . DA5 C 2 . ? -7.816  -1.191  -1.643  1.00 14.88  ? 14  DA5 A C7    1 
HETATM 246 C  C8    . DA5 C 2 . ? -6.962  -1.087  -2.765  1.00 14.96  ? 14  DA5 A C8    1 
HETATM 247 C  C9    . DA5 C 2 . ? -5.251  -2.246  -4.144  1.00 14.28  ? 14  DA5 A C9    1 
HETATM 248 N  N9    . DA5 C 2 . ? -5.239  -1.100  -4.884  1.00 14.93  ? 14  DA5 A N9    1 
HETATM 249 N  N10   . DA5 C 2 . ? -5.349  -4.467  -2.597  1.00 16.39  ? 14  DA5 A N10   1 
HETATM 250 C  C11   . DA5 C 2 . ? -4.460  -3.268  -4.476  1.00 15.09  ? 14  DA5 A C11   1 
HETATM 251 C  C12   . DA5 C 2 . ? -4.527  -4.471  -3.619  1.00 17.55  ? 14  DA5 A C12   1 
HETATM 252 C  C13   . DA5 C 2 . ? -6.117  -2.188  -3.101  1.00 14.79  ? 14  DA5 A C13   1 
HETATM 253 C  C14   . DA5 C 2 . ? -6.147  -3.338  -2.341  1.00 14.95  ? 14  DA5 A C14   1 
HETATM 254 BR BR    . DA5 C 2 . ? -6.960  -5.151  -0.229  1.00 32.50  ? 14  DA5 A BR    1 
HETATM 255 C  CD1   . DA5 C 2 . ? -3.682  -6.826  -3.148  1.00 21.72  ? 14  DA5 A CD1   1 
HETATM 256 O  OD1   . DA5 C 2 . ? -3.739  -7.143  -2.152  1.00 21.08  ? 14  DA5 A OD1   1 
HETATM 257 N  ND1   . DA5 C 2 . ? -2.247  -7.265  -3.596  1.00 24.71  ? 14  DA5 A ND1   1 
HETATM 258 C  CD2   . DA5 C 2 . ? -2.245  -8.243  -2.353  1.00 29.07  ? 14  DA5 A CD2   1 
HETATM 259 C  CD3   . DA5 C 2 . ? -1.029  -8.234  -1.813  1.00 33.95  ? 14  DA5 A CD3   1 
HETATM 260 N  ND2   . DA5 C 2 . ? 0.065   -7.251  -2.075  1.00 39.25  ? 14  DA5 A ND2   1 
HETATM 261 C  CD7   . DA5 C 2 . ? 0.543   -6.839  -0.703  1.00 46.52  ? 14  DA5 A CD7   1 
HETATM 262 C  CD8   . DA5 C 2 . ? 1.215   -8.079  -2.652  1.00 42.98  ? 14  DA5 A CD8   1 
HETATM 263 BR BR    . BR  D 3 . ? 3.913   -2.810  -3.384  1.00 54.31  ? 15  BR  A BR    1 
HETATM 264 C  C1    . DA5 E 2 . ? 7.378   0.971   6.477   1.00 19.23  ? 13  DA5 B C1    1 
HETATM 265 C  C2    . DA5 E 2 . ? 8.210   -0.138  6.055   1.00 17.65  ? 13  DA5 B C2    1 
HETATM 266 C  C3    . DA5 E 2 . ? 8.980   -0.066  4.979   1.00 19.61  ? 13  DA5 B C3    1 
HETATM 267 C  C4    . DA5 E 2 . ? 9.064   1.086   4.181   1.00 15.87  ? 13  DA5 B C4    1 
HETATM 268 C  C5    . DA5 E 2 . ? 7.669   5.548   3.394   1.00 16.25  ? 13  DA5 B C5    1 
HETATM 269 C  C6    . DA5 E 2 . ? 6.980   6.727   3.609   1.00 16.57  ? 13  DA5 B C6    1 
HETATM 270 C  C7    . DA5 E 2 . ? 6.101   6.756   4.750   1.00 15.43  ? 13  DA5 B C7    1 
HETATM 271 C  C8    . DA5 E 2 . ? 6.004   5.626   5.546   1.00 14.44  ? 13  DA5 B C8    1 
HETATM 272 C  C9    . DA5 E 2 . ? 6.712   3.263   6.009   1.00 13.53  ? 13  DA5 B C9    1 
HETATM 273 N  N9    . DA5 E 2 . ? 5.888   3.278   7.089   1.00 14.92  ? 13  DA5 B N9    1 
HETATM 274 N  N10   . DA5 E 2 . ? 8.317   3.311   3.840   1.00 15.65  ? 13  DA5 B N10   1 
HETATM 275 C  C11   . DA5 E 2 . ? 7.407   2.142   5.758   1.00 14.71  ? 13  DA5 B C11   1 
HETATM 276 C  C12   . DA5 E 2 . ? 8.262   2.209   4.572   1.00 16.91  ? 13  DA5 B C12   1 
HETATM 277 C  C13   . DA5 E 2 . ? 6.711   4.444   5.299   1.00 13.68  ? 13  DA5 B C13   1 
HETATM 278 C  C14   . DA5 E 2 . ? 7.564   4.430   4.187   1.00 14.28  ? 13  DA5 B C14   1 
HETATM 279 BR BR    . DA5 E 2 . ? 8.935   5.395   1.852   1.00 32.60  ? 13  DA5 B BR    1 
HETATM 280 C  CD1   . DA5 E 2 . ? 10.004  0.991   2.969   1.00 18.62  ? 13  DA5 B CD1   1 
HETATM 281 O  OD1   . DA5 E 2 . ? 10.014  1.334   2.048   1.00 20.60  ? 13  DA5 B OD1   1 
HETATM 282 N  ND1   . DA5 E 2 . ? 9.877   -0.552  2.844   1.00 25.15  ? 13  DA5 B ND1   1 
HETATM 283 C  CD2   . DA5 E 2 . ? 10.351  -0.774  1.303   1.00 32.27  ? 13  DA5 B CD2   1 
HETATM 284 C  CD3   . DA5 E 2 . ? 9.145   -0.948  0.313   1.00 31.38  ? 13  DA5 B CD3   1 
HETATM 285 N  ND2   . DA5 E 2 . ? 8.411   -2.109  0.508   1.00 33.23  ? 13  DA5 B ND2   1 
HETATM 286 C  CD7   . DA5 E 2 . ? 7.299   -2.109  -0.387  1.00 33.10  ? 13  DA5 B CD7   1 
HETATM 287 C  CD8   . DA5 E 2 . ? 9.200   -3.351  0.589   1.00 38.73  ? 13  DA5 B CD8   1 
HETATM 288 C  C1    A DA5 F 2 . ? -11.794 -5.253  -5.383  0.50 12.08  ? 15  DA5 B C1    1 
HETATM 289 C  C1    B DA5 F 2 . ? -10.467 -3.372  -8.745  0.50 11.45  ? 15  DA5 B C1    1 
HETATM 290 C  C2    A DA5 F 2 . ? -12.283 -4.015  -5.657  0.50 14.44  ? 15  DA5 B C2    1 
HETATM 291 C  C2    B DA5 F 2 . ? -11.326 -2.692  -7.908  0.50 13.47  ? 15  DA5 B C2    1 
HETATM 292 C  C3    A DA5 F 2 . ? -11.886 -3.278  -6.753  0.50 15.06  ? 15  DA5 B C3    1 
HETATM 293 C  C3    B DA5 F 2 . ? -11.827 -3.230  -6.790  0.50 14.64  ? 15  DA5 B C3    1 
HETATM 294 C  C4    A DA5 F 2 . ? -10.933 -3.735  -7.709  0.50 12.43  ? 15  DA5 B C4    1 
HETATM 295 C  C4    B DA5 F 2 . ? -11.522 -4.559  -6.337  0.50 12.48  ? 15  DA5 B C4    1 
HETATM 296 C  C5    A DA5 F 2 . ? -7.997  -7.357  -8.971  0.50 9.08   ? 15  DA5 B C5    1 
HETATM 297 C  C5    B DA5 F 2 . ? -9.034  -8.657  -7.284  0.50 8.30   ? 15  DA5 B C5    1 
HETATM 298 C  C6    A DA5 F 2 . ? -7.537  -8.646  -8.594  0.50 9.77   ? 15  DA5 B C6    1 
HETATM 299 C  C6    B DA5 F 2 . ? -8.167  -9.273  -8.192  0.50 9.60   ? 15  DA5 B C6    1 
HETATM 300 C  C7    A DA5 F 2 . ? -7.933  -9.362  -7.534  0.50 9.64   ? 15  DA5 B C7    1 
HETATM 301 C  C7    B DA5 F 2 . ? -7.681  -8.683  -9.314  0.50 10.16  ? 15  DA5 B C7    1 
HETATM 302 C  C8    A DA5 F 2 . ? -8.855  -8.831  -6.678  0.50 9.55   ? 15  DA5 B C8    1 
HETATM 303 C  C8    B DA5 F 2 . ? -8.051  -7.382  -9.646  0.50 8.71   ? 15  DA5 B C8    1 
HETATM 304 C  C9    A DA5 F 2 . ? -10.350 -7.032  -6.012  0.50 10.68  ? 15  DA5 B C9    1 
HETATM 305 C  C9    B DA5 F 2 . ? -9.259  -5.349  -9.208  0.50 11.39  ? 15  DA5 B C9    1 
HETATM 306 N  N10   A DA5 F 2 . ? -9.459  -5.579  -8.329  0.50 10.05  ? 15  DA5 B N10   1 
HETATM 307 N  N10   B DA5 F 2 . ? -10.291 -6.614  -6.788  0.50 8.81   ? 15  DA5 B N10   1 
HETATM 308 C  C11   A DA5 F 2 . ? -10.836 -5.750  -6.323  0.50 10.38  ? 15  DA5 B C11   1 
HETATM 309 C  C11   B DA5 F 2 . ? -10.132 -4.712  -8.320  0.50 10.18  ? 15  DA5 B C11   1 
HETATM 310 C  C12   A DA5 F 2 . ? -10.426 -5.075  -7.372  0.50 10.99  ? 15  DA5 B C12   1 
HETATM 311 C  C12   B DA5 F 2 . ? -10.605 -5.256  -7.257  0.50 10.57  ? 15  DA5 B C12   1 
HETATM 312 C  C13   A DA5 F 2 . ? -9.386  -7.535  -6.944  0.50 8.02   ? 15  DA5 B C13   1 
HETATM 313 C  C13   B DA5 F 2 . ? -8.932  -6.680  -8.790  0.50 7.72   ? 15  DA5 B C13   1 
HETATM 314 C  C14   A DA5 F 2 . ? -8.963  -6.866  -7.993  0.50 10.16  ? 15  DA5 B C14   1 
HETATM 315 C  C14   B DA5 F 2 . ? -9.395  -7.277  -7.719  0.50 9.73   ? 15  DA5 B C14   1 
HETATM 316 BR BR    A DA5 F 2 . ? -7.457  -6.240  -10.583 0.50 21.43  ? 15  DA5 B BR    1 
HETATM 317 BR BR    B DA5 F 2 . ? -9.823  -9.388  -5.567  0.50 21.72  ? 15  DA5 B BR    1 
HETATM 318 BR BR    . BR  G 3 . ? 3.616   -4.825  2.797   1.00 54.94  ? 16  BR  B BR    1 
HETATM 319 O  O     . HOH H 4 . ? -5.187  -12.081 -7.931  1.00 13.67  ? 17  HOH A O     1 
HETATM 320 O  O     . HOH H 4 . ? -4.152  -3.725  -9.553  1.00 14.05  ? 18  HOH A O     1 
HETATM 321 O  O     . HOH H 4 . ? 3.869   -6.433  -11.559 1.00 14.63  ? 19  HOH A O     1 
HETATM 322 O  O     . HOH H 4 . ? -0.807  10.324  7.553   1.00 14.69  ? 20  HOH A O     1 
HETATM 323 O  O     . HOH H 4 . ? 1.693   -11.042 -8.459  1.00 22.21  ? 24  HOH A O     1 
HETATM 324 O  O     . HOH H 4 . ? 2.981   12.646  2.502   1.00 32.54  ? 26  HOH A O     1 
HETATM 325 O  O     . HOH H 4 . ? -0.008  12.420  1.525   1.00 23.34  ? 27  HOH A O     1 
HETATM 326 O  O     . HOH H 4 . ? -1.939  -2.325  -8.658  1.00 20.06  ? 29  HOH A O     1 
HETATM 327 O  O     . HOH H 4 . ? 6.048   10.726  4.704   1.00 29.62  ? 31  HOH A O     1 
HETATM 328 O  O     . HOH H 4 . ? 5.713   7.597   11.633  1.00 21.10  ? 32  HOH A O     1 
HETATM 329 O  O     . HOH H 4 . ? 4.325   11.937  11.436  1.00 27.28  ? 33  HOH A O     1 
HETATM 330 O  O     . HOH H 4 . ? -0.728  -8.359  -5.503  1.00 32.19  ? 34  HOH A O     1 
HETATM 331 O  O     . HOH H 4 . ? 4.832   9.070   -0.792  1.00 22.90  ? 37  HOH A O     1 
HETATM 332 O  O     . HOH H 4 . ? -0.379  12.674  -2.448  1.00 30.96  ? 38  HOH A O     1 
HETATM 333 O  O     . HOH H 4 . ? 5.761   1.012   -2.531  1.00 30.79  ? 39  HOH A O     1 
HETATM 334 O  O     . HOH H 4 . ? 5.063   -0.965  -6.056  1.00 36.65  ? 45  HOH A O     1 
HETATM 335 O  O     . HOH H 4 . ? 4.766   11.483  0.871   1.00 61.96  ? 47  HOH A O     1 
HETATM 336 O  O     . HOH H 4 . ? 1.944   3.434   -10.448 1.00 46.15  ? 48  HOH A O     1 
HETATM 337 O  O     . HOH H 4 . ? 10.240  9.256   3.242   1.00 38.04  ? 49  HOH A O     1 
HETATM 338 O  O     . HOH H 4 . ? 12.429  7.231   3.181   1.00 31.47  ? 50  HOH A O     1 
HETATM 339 O  O     . HOH H 4 . ? -0.270  11.540  -12.552 1.00 47.76  ? 51  HOH A O     1 
HETATM 340 O  O     . HOH H 4 . ? -1.818  -0.230  -6.591  1.00 35.04  ? 53  HOH A O     1 
HETATM 341 O  O     . HOH H 4 . ? 4.476   7.584   -7.569  1.00 51.72  ? 54  HOH A O     1 
HETATM 342 O  O     . HOH H 4 . ? 3.551   0.106   -12.590 0.50 38.67  ? 58  HOH A O     1 
HETATM 343 O  O     . HOH H 4 . ? 6.871   2.205   -5.785  0.50 46.46  ? 59  HOH A O     1 
HETATM 344 O  O     . HOH H 4 . ? 7.524   2.429   10.927  1.00 26.70  ? 62  HOH A O     1 
HETATM 345 O  O     . HOH H 4 . ? -0.079  14.055  5.681   1.00 45.14  ? 63  HOH A O     1 
HETATM 346 O  O     . HOH H 4 . ? 4.036   13.470  6.409   1.00 37.17  ? 64  HOH A O     1 
HETATM 347 O  O     . HOH H 4 . ? 1.740   12.032  10.690  1.00 32.33  ? 66  HOH A O     1 
HETATM 348 O  O     . HOH H 4 . ? 3.200   -8.246  -6.657  1.00 34.54  ? 72  HOH A O     1 
HETATM 349 O  O     . HOH H 4 . ? 5.828   -2.676  -9.611  1.00 36.43  ? 74  HOH A O     1 
HETATM 350 O  O     . HOH H 4 . ? 8.079   3.890   -1.947  1.00 24.72  ? 75  HOH A O     1 
HETATM 351 O  O     . HOH H 4 . ? 5.038   4.385   -8.320  1.00 67.68  ? 76  HOH A O     1 
HETATM 352 O  O     . HOH H 4 . ? 6.251   8.049   -2.276  1.00 43.66  ? 77  HOH A O     1 
HETATM 353 O  O     . HOH H 4 . ? 3.814   -5.915  -5.494  1.00 31.16  ? 82  HOH A O     1 
HETATM 354 O  O     . HOH H 4 . ? 4.483   -1.992  -14.051 1.00 39.18  ? 84  HOH A O     1 
HETATM 355 O  O     . HOH H 4 . ? 6.340   9.436   0.928   1.00 34.62  ? 85  HOH A O     1 
HETATM 356 O  O     . HOH H 4 . ? 7.859   12.105  6.174   1.00 42.20  ? 86  HOH A O     1 
HETATM 357 O  O     . HOH H 4 . ? -2.817  13.812  5.563   1.00 67.42  ? 87  HOH A O     1 
HETATM 358 O  O     . HOH H 4 . ? 0.073   14.695  -1.452  1.00 52.69  ? 90  HOH A O     1 
HETATM 359 O  O     . HOH H 4 . ? 13.383  10.458  0.961   1.00 37.38  ? 92  HOH A O     1 
HETATM 360 O  O     . HOH H 4 . ? 4.957   -6.153  -9.238  1.00 44.40  ? 93  HOH A O     1 
HETATM 361 O  O     . HOH H 4 . ? 3.928   10.695  -4.796  1.00 69.95  ? 94  HOH A O     1 
HETATM 362 O  O     . HOH H 4 . ? -0.595  4.845   -7.722  1.00 37.34  ? 95  HOH A O     1 
HETATM 363 O  O     . HOH H 4 . ? 8.749   6.710   -1.445  1.00 43.11  ? 97  HOH A O     1 
HETATM 364 O  O     . HOH H 4 . ? 4.808   14.896  4.084   1.00 47.00  ? 98  HOH A O     1 
HETATM 365 O  O     . HOH H 4 . ? 6.280   13.029  -0.773  1.00 36.45  ? 100 HOH A O     1 
HETATM 366 O  O     . HOH H 4 . ? 8.023   9.617   -1.129  1.00 53.53  ? 101 HOH A O     1 
HETATM 367 O  O     . HOH H 4 . ? -4.007  -0.367  -7.253  1.00 31.22  ? 106 HOH A O     1 
HETATM 368 O  O     . HOH H 4 . ? 6.036   9.493   -7.937  1.00 56.47  ? 108 HOH A O     1 
HETATM 369 O  O     . HOH H 4 . ? -0.311  -11.264 -7.257  1.00 47.44  ? 111 HOH A O     1 
HETATM 370 O  O     . HOH H 4 . ? 9.520   7.066   -4.551  1.00 37.05  ? 112 HOH A O     1 
HETATM 371 O  O     . HOH H 4 . ? 2.476   8.390   -12.692 1.00 109.52 ? 113 HOH A O     1 
HETATM 372 O  O     . HOH H 4 . ? 9.042   -0.602  -9.188  1.00 65.99  ? 114 HOH A O     1 
HETATM 373 O  O     . HOH H 4 . ? 9.731   1.492   -5.128  1.00 84.34  ? 116 HOH A O     1 
HETATM 374 O  O     . HOH H 4 . ? 3.779   10.297  -10.466 1.00 51.92  ? 118 HOH A O     1 
HETATM 375 O  O     . HOH H 4 . ? 8.550   11.732  0.403   1.00 52.37  ? 119 HOH A O     1 
HETATM 376 O  O     . HOH H 4 . ? -0.193  9.446   -11.602 1.00 45.57  ? 122 HOH A O     1 
HETATM 377 O  O     . HOH H 4 . ? 8.770   13.588  -1.676  1.00 65.44  ? 124 HOH A O     1 
HETATM 378 O  O     . HOH H 4 . ? 6.024   -2.830  -6.988  1.00 42.69  ? 125 HOH A O     1 
HETATM 379 O  O     . HOH H 4 . ? 6.062   1.363   12.339  1.00 50.41  ? 126 HOH A O     1 
HETATM 380 O  O     . HOH I 4 . ? 16.404  -0.740  5.843   1.00 13.68  ? 17  HOH B O     1 
HETATM 381 O  O     . HOH I 4 . ? 8.954   -8.676  8.719   1.00 15.47  ? 18  HOH B O     1 
HETATM 382 O  O     . HOH I 4 . ? -7.931  -1.420  4.517   1.00 23.70  ? 19  HOH B O     1 
HETATM 383 O  O     . HOH I 4 . ? 6.731   -1.310  9.117   1.00 20.19  ? 20  HOH B O     1 
HETATM 384 O  O     . HOH I 4 . ? 13.094  -6.817  4.817   1.00 21.97  ? 21  HOH B O     1 
HETATM 385 O  O     . HOH I 4 . ? -9.688  4.441   4.827   1.00 20.31  ? 22  HOH B O     1 
HETATM 386 O  O     . HOH I 4 . ? -11.424 -0.120  -0.208  1.00 28.39  ? 23  HOH B O     1 
HETATM 387 O  O     . HOH I 4 . ? -11.276 2.072   3.349   1.00 29.47  ? 24  HOH B O     1 
HETATM 388 O  O     . HOH I 4 . ? -10.130 1.816   -7.442  1.00 23.34  ? 25  HOH B O     1 
HETATM 389 O  O     . HOH I 4 . ? 13.311  -4.297  4.090   1.00 36.72  ? 26  HOH B O     1 
HETATM 390 O  O     . HOH I 4 . ? -8.645  3.536   8.545   1.00 27.84  ? 27  HOH B O     1 
HETATM 391 O  O     . HOH I 4 . ? 0.758   -4.498  11.392  1.00 47.77  ? 28  HOH B O     1 
HETATM 392 O  O     . HOH I 4 . ? -13.452 4.404   -5.314  1.00 25.66  ? 29  HOH B O     1 
HETATM 393 O  O     . HOH I 4 . ? -5.672  -1.673  9.802   1.00 70.84  ? 30  HOH B O     1 
HETATM 394 O  O     . HOH I 4 . ? -11.203 -5.067  -0.328  1.00 34.65  ? 31  HOH B O     1 
HETATM 395 O  O     . HOH I 4 . ? -1.442  -6.029  7.942   1.00 58.24  ? 32  HOH B O     1 
HETATM 396 O  O     . HOH I 4 . ? -10.183 -7.376  -1.722  1.00 32.88  ? 33  HOH B O     1 
HETATM 397 O  O     . HOH I 4 . ? -12.759 6.182   -3.597  1.00 44.02  ? 34  HOH B O     1 
HETATM 398 O  O     . HOH I 4 . ? -0.703  -5.136  2.882   1.00 30.06  ? 35  HOH B O     1 
HETATM 399 O  O     . HOH I 4 . ? 4.471   -0.002  7.838   1.00 36.54  ? 36  HOH B O     1 
HETATM 400 O  O     . HOH I 4 . ? -14.175 4.096   -0.022  1.00 38.08  ? 37  HOH B O     1 
HETATM 401 O  O     . HOH I 4 . ? -6.231  -4.729  10.323  1.00 42.69  ? 38  HOH B O     1 
HETATM 402 O  O     . HOH I 4 . ? -13.403 -5.112  -2.922  1.00 41.34  ? 39  HOH B O     1 
HETATM 403 O  O     . HOH I 4 . ? -4.329  -6.128  2.902   1.00 26.54  ? 40  HOH B O     1 
HETATM 404 O  O     . HOH I 4 . ? -4.366  -9.362  2.623   1.00 44.30  ? 41  HOH B O     1 
HETATM 405 O  O     . HOH I 4 . ? -9.893  -0.226  4.397   1.00 54.96  ? 42  HOH B O     1 
HETATM 406 O  O     . HOH I 4 . ? 9.700   -6.940  3.855   1.00 38.01  ? 43  HOH B O     1 
HETATM 407 O  O     . HOH I 4 . ? 3.117   -7.240  12.463  1.00 42.49  ? 44  HOH B O     1 
HETATM 408 O  O     . HOH I 4 . ? -11.907 6.170   1.618   1.00 42.43  ? 45  HOH B O     1 
HETATM 409 O  O     . HOH I 4 . ? -1.921  -5.641  10.249  1.00 47.39  ? 46  HOH B O     1 
HETATM 410 O  O     . HOH I 4 . ? -6.155  -1.405  -9.158  1.00 25.66  ? 47  HOH B O     1 
HETATM 411 O  O     . HOH I 4 . ? 7.121   -6.283  3.550   1.00 31.73  ? 48  HOH B O     1 
HETATM 412 O  O     . HOH I 4 . ? 5.443   -8.753  12.047  1.00 46.77  ? 49  HOH B O     1 
HETATM 413 O  O     . HOH I 4 . ? -13.523 -0.921  -1.080  1.00 34.82  ? 50  HOH B O     1 
HETATM 414 O  O     . HOH I 4 . ? -14.266 8.789   -4.284  1.00 34.73  ? 51  HOH B O     1 
HETATM 415 O  O     . HOH I 4 . ? -12.167 -1.321  5.456   1.00 42.82  ? 52  HOH B O     1 
HETATM 416 O  O     . HOH I 4 . ? -15.666 3.889   -2.113  1.00 47.77  ? 53  HOH B O     1 
HETATM 417 O  O     . HOH I 4 . ? 8.253   -9.267  6.614   1.00 64.54  ? 54  HOH B O     1 
HETATM 418 O  O     . HOH I 4 . ? -7.876  -0.784  8.424   1.00 40.50  ? 55  HOH B O     1 
HETATM 419 O  O     . HOH I 4 . ? -16.010 7.382   -4.803  1.00 49.38  ? 56  HOH B O     1 
HETATM 420 O  O     . HOH I 4 . ? 4.379   -8.759  7.745   1.00 32.03  ? 57  HOH B O     1 
HETATM 421 O  O     . HOH I 4 . ? -2.206  -9.549  4.438   1.00 52.88  ? 58  HOH B O     1 
HETATM 422 O  O     . HOH I 4 . ? -12.429 -8.190  1.363   1.00 49.12  ? 59  HOH B O     1 
HETATM 423 O  O     . HOH I 4 . ? -18.783 8.418   -4.710  1.00 52.54  ? 60  HOH B O     1 
HETATM 424 O  O     . HOH I 4 . ? -14.569 1.764   -0.411  1.00 57.01  ? 61  HOH B O     1 
HETATM 425 O  O     . HOH I 4 . ? -15.641 7.880   -1.627  1.00 75.42  ? 62  HOH B O     1 
HETATM 426 O  O     . HOH I 4 . ? -10.527 8.410   2.158   1.00 63.62  ? 63  HOH B O     1 
HETATM 427 O  O     . HOH I 4 . ? -13.559 -3.846  6.302   1.00 55.18  ? 64  HOH B O     1 
HETATM 428 O  O     . HOH I 4 . ? 1.658   -10.098 6.823   1.00 56.68  ? 65  HOH B O     1 
HETATM 429 O  O     . HOH I 4 . ? -15.378 0.590   6.542   1.00 65.84  ? 66  HOH B O     1 
HETATM 430 O  O     . HOH I 4 . ? -6.044  -3.579  14.190  1.00 70.08  ? 67  HOH B O     1 
HETATM 431 O  O     . HOH I 4 . ? -6.015  -10.451 3.799   1.00 64.09  ? 68  HOH B O     1 
# 
loop_
_atom_site_anisotrop.id 
_atom_site_anisotrop.type_symbol 
_atom_site_anisotrop.pdbx_label_atom_id 
_atom_site_anisotrop.pdbx_label_alt_id 
_atom_site_anisotrop.pdbx_label_comp_id 
_atom_site_anisotrop.pdbx_label_asym_id 
_atom_site_anisotrop.pdbx_label_seq_id 
_atom_site_anisotrop.pdbx_PDB_ins_code 
_atom_site_anisotrop.U[1][1] 
_atom_site_anisotrop.U[2][2] 
_atom_site_anisotrop.U[3][3] 
_atom_site_anisotrop.U[1][2] 
_atom_site_anisotrop.U[1][3] 
_atom_site_anisotrop.U[2][3] 
_atom_site_anisotrop.pdbx_auth_seq_id 
_atom_site_anisotrop.pdbx_auth_comp_id 
_atom_site_anisotrop.pdbx_auth_asym_id 
_atom_site_anisotrop.pdbx_auth_atom_id 
1   O  "O5'" . DC  A 1 ? 0.1713 0.1593 0.1541 -0.0350 0.0299  0.0378  1  DC  A "O5'" 
2   C  "C5'" . DC  A 1 ? 0.1774 0.1253 0.1410 -0.0105 0.0333  0.0251  1  DC  A "C5'" 
3   C  "C4'" . DC  A 1 ? 0.1289 0.1468 0.1609 -0.0138 0.0109  0.0185  1  DC  A "C4'" 
4   O  "O4'" . DC  A 1 ? 0.1431 0.1642 0.1261 -0.0336 0.0187  -0.0034 1  DC  A "O4'" 
5   C  "C3'" . DC  A 1 ? 0.1550 0.1572 0.1419 -0.0320 0.0468  0.0011  1  DC  A "C3'" 
6   O  "O3'" . DC  A 1 ? 0.1452 0.1968 0.1586 -0.0267 0.0259  -0.0011 1  DC  A "O3'" 
7   C  "C2'" . DC  A 1 ? 0.1280 0.1534 0.1667 -0.0477 0.0235  -0.0005 1  DC  A "C2'" 
8   C  "C1'" . DC  A 1 ? 0.1763 0.1336 0.1648 -0.0184 0.0059  0.0235  1  DC  A "C1'" 
9   N  N1    . DC  A 1 ? 0.1755 0.1236 0.0996 -0.0301 -0.0072 -0.0077 1  DC  A N1    
10  C  C2    . DC  A 1 ? 0.1320 0.1355 0.1145 -0.0158 -0.0389 0.0062  1  DC  A C2    
11  O  O2    . DC  A 1 ? 0.1356 0.1504 0.1220 -0.0276 -0.0279 -0.0001 1  DC  A O2    
12  N  N3    . DC  A 1 ? 0.1214 0.1151 0.1401 -0.0331 -0.0031 0.0066  1  DC  A N3    
13  C  C4    . DC  A 1 ? 0.1325 0.1489 0.1376 -0.0427 -0.0150 -0.0085 1  DC  A C4    
14  N  N4    . DC  A 1 ? 0.1520 0.1449 0.1390 -0.0499 0.0104  -0.0030 1  DC  A N4    
15  C  C5    . DC  A 1 ? 0.1538 0.1153 0.1517 -0.0270 0.0060  0.0234  1  DC  A C5    
16  C  C6    . DC  A 1 ? 0.1936 0.1150 0.1461 -0.0451 0.0119  0.0185  1  DC  A C6    
17  P  P     . DG  A 2 ? 0.1687 0.1978 0.1800 -0.0293 0.0398  0.0055  2  DG  A P     
18  O  OP1   . DG  A 2 ? 0.1766 0.2535 0.1794 -0.0467 0.0264  -0.0227 2  DG  A OP1   
19  O  OP2   . DG  A 2 ? 0.1668 0.2961 0.1779 -0.0530 -0.0102 0.0372  2  DG  A OP2   
20  O  "O5'" . DG  A 2 ? 0.1912 0.2256 0.1861 -0.0652 0.0285  -0.0309 2  DG  A "O5'" 
21  C  "C5'" . DG  A 2 ? 0.1521 0.2369 0.2189 -0.0590 0.0408  0.0002  2  DG  A "C5'" 
22  C  "C4'" . DG  A 2 ? 0.1867 0.2408 0.2058 -0.0318 0.0329  -0.0941 2  DG  A "C4'" 
23  O  "O4'" . DG  A 2 ? 0.2093 0.2574 0.1929 -0.0349 0.0338  -0.0433 2  DG  A "O4'" 
24  C  "C3'" . DG  A 2 ? 0.2205 0.2304 0.2068 -0.0476 0.0090  -0.0736 2  DG  A "C3'" 
25  O  "O3'" . DG  A 2 ? 0.2533 0.2615 0.2042 -0.0551 0.0389  -0.0501 2  DG  A "O3'" 
26  C  "C2'" . DG  A 2 ? 0.2268 0.2639 0.2223 -0.0058 -0.0247 -0.0360 2  DG  A "C2'" 
27  C  "C1'" . DG  A 2 ? 0.2482 0.3079 0.1429 -0.0192 -0.0212 -0.0403 2  DG  A "C1'" 
28  N  N9    . DG  A 2 ? 0.2178 0.2107 0.1917 0.0009  -0.0354 -0.0691 2  DG  A N9    
29  C  C8    . DG  A 2 ? 0.2078 0.2155 0.2514 -0.0226 0.0029  -0.0454 2  DG  A C8    
30  N  N7    . DG  A 2 ? 0.2092 0.2023 0.2111 -0.0020 -0.0285 -0.0672 2  DG  A N7    
31  C  C5    . DG  A 2 ? 0.1398 0.1709 0.2171 -0.0493 -0.0339 -0.0726 2  DG  A C5    
32  C  C6    . DG  A 2 ? 0.1488 0.1625 0.1625 -0.0340 -0.0575 -0.0421 2  DG  A C6    
33  O  O6    . DG  A 2 ? 0.2142 0.1465 0.1867 -0.0370 -0.0665 -0.0229 2  DG  A O6    
34  N  N1    . DG  A 2 ? 0.1320 0.1378 0.1635 -0.0397 -0.0441 -0.0330 2  DG  A N1    
35  C  C2    . DG  A 2 ? 0.1257 0.1367 0.1579 -0.0502 -0.0466 -0.0444 2  DG  A C2    
36  N  N2    . DG  A 2 ? 0.1276 0.1404 0.2181 -0.0373 -0.0486 -0.0350 2  DG  A N2    
37  N  N3    . DG  A 2 ? 0.1151 0.2089 0.1679 -0.0444 -0.0323 -0.0571 2  DG  A N3    
38  C  C4    . DG  A 2 ? 0.1298 0.1888 0.1717 -0.0615 -0.0131 -0.0591 2  DG  A C4    
39  P  P     . DU  A 3 ? 0.3041 0.2528 0.3157 -0.1015 0.0464  -0.0732 3  DU  A P     
40  O  OP1   . DU  A 3 ? 0.4735 0.3299 0.2621 -0.1443 0.0484  -0.0485 3  DU  A OP1   
41  O  OP2   . DU  A 3 ? 0.2798 0.2344 0.5047 -0.0687 0.0679  -0.0755 3  DU  A OP2   
42  O  "O5'" . DU  A 3 ? 0.2862 0.3103 0.2817 -0.0434 -0.0094 -0.0960 3  DU  A "O5'" 
43  C  "C5'" . DU  A 3 ? 0.3505 0.2946 0.1972 -0.0129 0.0294  0.0306  3  DU  A "C5'" 
44  C  "C4'" . DU  A 3 ? 0.3299 0.3652 0.2120 -0.0630 0.1238  -0.0328 3  DU  A "C4'" 
45  O  "O4'" . DU  A 3 ? 0.3319 0.3190 0.2213 -0.0895 0.0701  -0.0656 3  DU  A "O4'" 
46  C  "C3'" . DU  A 3 ? 0.4015 0.3076 0.3645 -0.1042 0.0939  -0.0441 3  DU  A "C3'" 
47  O  "O3'" . DU  A 3 ? 0.4901 0.3431 0.5016 -0.0668 0.1119  -0.1113 3  DU  A "O3'" 
48  C  "C2'" . DU  A 3 ? 0.3554 0.3526 0.2735 -0.1471 0.0795  -0.0965 3  DU  A "C2'" 
49  C  "C1'" . DU  A 3 ? 0.3386 0.3808 0.2304 -0.0927 0.0627  -0.1245 3  DU  A "C1'" 
50  N  N1    . DU  A 3 ? 0.2570 0.3826 0.2187 -0.1403 0.0430  -0.1134 3  DU  A N1    
51  C  C2    . DU  A 3 ? 0.1664 0.3706 0.2343 -0.1248 0.0170  -0.1031 3  DU  A C2    
52  O  O2    . DU  A 3 ? 0.2462 0.3109 0.2052 -0.1528 0.0291  -0.0768 3  DU  A O2    
53  N  N3    . DU  A 3 ? 0.2097 0.3726 0.1982 -0.1020 -0.0227 -0.1126 3  DU  A N3    
54  C  C4    . DU  A 3 ? 0.1564 0.4119 0.1877 -0.1025 -0.0470 -0.1045 3  DU  A C4    
55  O  O4    . DU  A 3 ? 0.2232 0.4881 0.2008 -0.0430 -0.0672 -0.0464 3  DU  A O4    
56  C  C5    . DU  A 3 ? 0.1845 0.4499 0.2222 -0.1015 -0.0096 -0.1068 3  DU  A C5    
57  C  C6    . DU  A 3 ? 0.1726 0.4354 0.2205 -0.1139 -0.0079 -0.0945 3  DU  A C6    
58  P  P     . DA  A 4 ? 0.5747 0.3248 0.3853 -0.0943 0.0990  -0.1133 4  DA  A P     
61  O  "O5'" . DA  A 4 ? 0.4400 0.3136 0.2368 -0.0783 0.1004  0.0085  4  DA  A "O5'" 
62  C  "C5'" . DA  A 4 ? 0.3965 0.2324 0.1852 -0.0043 -0.0981 0.0154  4  DA  A "C5'" 
63  C  "C4'" . DA  A 4 ? 0.2579 0.1817 0.1732 0.0360  -0.0602 -0.0163 4  DA  A "C4'" 
64  O  "O4'" . DA  A 4 ? 0.1782 0.2256 0.2077 -0.0114 -0.0677 0.0038  4  DA  A "O4'" 
65  C  "C3'" . DA  A 4 ? 0.1596 0.2210 0.1635 0.0275  -0.0139 0.0163  4  DA  A "C3'" 
66  O  "O3'" . DA  A 4 ? 0.1855 0.2036 0.1197 -0.0222 -0.0183 0.0010  4  DA  A "O3'" 
67  C  "C2'" . DA  A 4 ? 0.1276 0.2412 0.1823 -0.0308 0.0355  0.0651  4  DA  A "C2'" 
68  C  "C1'" . DA  A 4 ? 0.1301 0.1950 0.1506 -0.0147 -0.0266 0.0057  4  DA  A "C1'" 
69  N  N9    . DA  A 4 ? 0.1276 0.1914 0.1267 -0.0107 0.0148  -0.0096 4  DA  A N9    
70  C  C8    . DA  A 4 ? 0.1182 0.2149 0.1556 -0.0178 0.0003  -0.0237 4  DA  A C8    
71  N  N7    . DA  A 4 ? 0.1100 0.2105 0.2280 -0.0308 -0.0136 -0.0134 4  DA  A N7    
72  C  C5    . DA  A 4 ? 0.1069 0.1744 0.1850 -0.0397 -0.0566 -0.0171 4  DA  A C5    
73  C  C6    . DA  A 4 ? 0.1556 0.1860 0.1762 -0.0405 -0.0912 -0.0225 4  DA  A C6    
74  N  N6    . DA  A 4 ? 0.1313 0.2087 0.2221 -0.0298 -0.0603 -0.0159 4  DA  A N6    
75  N  N1    . DA  A 4 ? 0.1596 0.1703 0.1761 -0.0370 -0.0755 -0.0102 4  DA  A N1    
76  C  C2    . DA  A 4 ? 0.1710 0.1381 0.1784 -0.0341 -0.0968 0.0126  4  DA  A C2    
77  N  N3    . DA  A 4 ? 0.1544 0.1761 0.1172 -0.0541 -0.0444 0.0037  4  DA  A N3    
78  C  C4    . DA  A 4 ? 0.1413 0.1682 0.1409 -0.0410 -0.0114 -0.0154 4  DA  A C4    
79  P  P     . DC  A 5 ? 0.1398 0.1766 0.1618 -0.0179 -0.0051 0.0381  5  DC  A P     
80  O  OP1   . DC  A 5 ? 0.1713 0.1446 0.1969 -0.0202 -0.0233 0.0069  5  DC  A OP1   
81  O  OP2   . DC  A 5 ? 0.1796 0.2120 0.1886 -0.0279 -0.0113 0.0522  5  DC  A OP2   
82  O  "O5'" . DC  A 5 ? 0.1475 0.1642 0.1317 -0.0330 -0.0036 0.0223  5  DC  A "O5'" 
83  C  "C5'" . DC  A 5 ? 0.1048 0.1680 0.1540 -0.0033 -0.0064 0.0355  5  DC  A "C5'" 
84  C  "C4'" . DC  A 5 ? 0.1430 0.1415 0.1371 -0.0308 -0.0292 0.0184  5  DC  A "C4'" 
85  O  "O4'" . DC  A 5 ? 0.1249 0.1614 0.1395 -0.0386 -0.0433 0.0121  5  DC  A "O4'" 
86  C  "C3'" . DC  A 5 ? 0.1375 0.1616 0.1561 -0.0334 -0.0155 0.0004  5  DC  A "C3'" 
87  O  "O3'" . DC  A 5 ? 0.1670 0.1800 0.1489 -0.0575 -0.0202 0.0049  5  DC  A "O3'" 
88  C  "C2'" . DC  A 5 ? 0.1253 0.1778 0.1981 -0.0404 -0.0380 -0.0143 5  DC  A "C2'" 
89  C  "C1'" . DC  A 5 ? 0.1133 0.1577 0.1788 -0.0340 -0.0198 -0.0021 5  DC  A "C1'" 
90  N  N1    . DC  A 5 ? 0.1251 0.1717 0.1353 -0.0283 -0.0366 -0.0142 5  DC  A N1    
91  C  C2    . DC  A 5 ? 0.1127 0.1788 0.1123 -0.0201 -0.0370 -0.0067 5  DC  A C2    
92  O  O2    . DC  A 5 ? 0.1103 0.1606 0.1668 -0.0257 -0.0013 -0.0133 5  DC  A O2    
93  N  N3    . DC  A 5 ? 0.1077 0.1853 0.1312 -0.0211 -0.0293 -0.0136 5  DC  A N3    
94  C  C4    . DC  A 5 ? 0.1318 0.1563 0.1488 -0.0203 -0.0095 -0.0079 5  DC  A C4    
95  N  N4    . DC  A 5 ? 0.1481 0.1948 0.1604 0.0027  -0.0301 -0.0166 5  DC  A N4    
96  C  C5    . DC  A 5 ? 0.1106 0.1792 0.1852 -0.0076 -0.0117 -0.0086 5  DC  A C5    
97  C  C6    . DC  A 5 ? 0.0979 0.1785 0.1657 -0.0098 -0.0358 0.0048  5  DC  A C6    
98  P  P     . DG  A 6 ? 0.1988 0.1646 0.1916 -0.0053 -0.0251 -0.0274 6  DG  A P     
99  O  OP1   . DG  A 6 ? 0.2301 0.1941 0.2468 -0.0332 0.0152  -0.0388 6  DG  A OP1   
100 O  OP2   . DG  A 6 ? 0.1824 0.1562 0.2581 -0.0375 -0.0166 -0.0360 6  DG  A OP2   
101 O  "O5'" . DG  A 6 ? 0.3637 0.2207 0.2156 -0.0094 -0.0962 -0.0247 6  DG  A "O5'" 
102 C  "C5'" . DG  A 6 ? 0.1664 0.4088 0.2629 0.0523  -0.0757 -0.0795 6  DG  A "C5'" 
103 C  "C4'" . DG  A 6 ? 0.1391 0.2306 0.2197 0.0075  -0.0074 -0.0613 6  DG  A "C4'" 
104 O  "O4'" . DG  A 6 ? 0.1337 0.1915 0.2160 -0.0021 -0.0274 -0.0454 6  DG  A "O4'" 
105 C  "C3'" . DG  A 6 ? 0.2091 0.2223 0.2010 0.0446  -0.0050 -0.0621 6  DG  A "C3'" 
106 O  "O3'" . DG  A 6 ? 0.2473 0.2643 0.2032 0.0832  -0.0259 -0.0589 6  DG  A "O3'" 
107 C  "C2'" . DG  A 6 ? 0.1924 0.1549 0.2144 0.0143  -0.0620 -0.0616 6  DG  A "C2'" 
108 C  "C1'" . DG  A 6 ? 0.1291 0.1780 0.1935 0.0000  -0.0278 -0.0378 6  DG  A "C1'" 
109 N  N9    . DG  A 6 ? 0.1309 0.1887 0.1359 -0.0042 -0.0372 -0.0230 6  DG  A N9    
110 C  C8    . DG  A 6 ? 0.1619 0.1730 0.1543 -0.0290 -0.0344 -0.0196 6  DG  A C8    
111 N  N7    . DG  A 6 ? 0.1478 0.1625 0.1790 -0.0435 0.0001  0.0074  6  DG  A N7    
112 C  C5    . DG  A 6 ? 0.0939 0.1816 0.1641 -0.0422 -0.0115 -0.0089 6  DG  A C5    
113 C  C6    . DG  A 6 ? 0.0715 0.2007 0.1543 -0.0165 -0.0287 0.0389  6  DG  A C6    
114 O  O6    . DG  A 6 ? 0.0908 0.2012 0.1567 -0.0221 -0.0149 0.0235  6  DG  A O6    
115 N  N1    . DG  A 6 ? 0.0797 0.1831 0.1080 -0.0108 -0.0248 -0.0041 6  DG  A N1    
116 C  C2    . DG  A 6 ? 0.0818 0.1713 0.1135 -0.0297 -0.0233 -0.0157 6  DG  A C2    
117 N  N2    . DG  A 6 ? 0.1050 0.1922 0.1146 -0.0330 -0.0149 0.0051  6  DG  A N2    
118 N  N3    . DG  A 6 ? 0.0750 0.1752 0.1550 -0.0130 -0.0150 -0.0227 6  DG  A N3    
119 C  C4    . DG  A 6 ? 0.1148 0.1639 0.1125 -0.0155 -0.0260 -0.0283 6  DG  A C4    
120 O  "O5'" . DC  B 1 ? 0.1809 0.1872 0.1470 -0.0361 0.0438  0.0361  7  DC  B "O5'" 
121 C  "C5'" . DC  B 1 ? 0.1625 0.1652 0.1441 -0.0070 0.0273  0.0294  7  DC  B "C5'" 
122 C  "C4'" . DC  B 1 ? 0.1416 0.1296 0.1270 -0.0179 -0.0081 0.0105  7  DC  B "C4'" 
123 O  "O4'" . DC  B 1 ? 0.1285 0.1499 0.1774 -0.0141 -0.0104 0.0334  7  DC  B "O4'" 
124 C  "C3'" . DC  B 1 ? 0.1528 0.1673 0.1396 -0.0348 0.0084  0.0610  7  DC  B "C3'" 
125 O  "O3'" . DC  B 1 ? 0.1543 0.1578 0.1761 -0.0343 0.0101  0.0352  7  DC  B "O3'" 
126 C  "C2'" . DC  B 1 ? 0.1464 0.1373 0.2246 -0.0465 -0.0050 0.0214  7  DC  B "C2'" 
127 C  "C1'" . DC  B 1 ? 0.1033 0.1867 0.1925 -0.0044 0.0208  0.0472  7  DC  B "C1'" 
128 N  N1    . DC  B 1 ? 0.1130 0.1642 0.1329 -0.0017 -0.0127 0.0265  7  DC  B N1    
129 C  C2    . DC  B 1 ? 0.0856 0.1656 0.1215 -0.0140 -0.0143 0.0094  7  DC  B C2    
130 O  O2    . DC  B 1 ? 0.1071 0.1676 0.1240 -0.0067 -0.0002 0.0180  7  DC  B O2    
131 N  N3    . DC  B 1 ? 0.1062 0.1234 0.1290 -0.0224 -0.0051 0.0100  7  DC  B N3    
132 C  C4    . DC  B 1 ? 0.0852 0.1702 0.1382 -0.0084 -0.0131 0.0166  7  DC  B C4    
133 N  N4    . DC  B 1 ? 0.0857 0.1966 0.1812 -0.0265 -0.0236 0.0554  7  DC  B N4    
134 C  C5    . DC  B 1 ? 0.0946 0.1632 0.1557 -0.0045 0.0173  0.0189  7  DC  B C5    
135 C  C6    . DC  B 1 ? 0.0841 0.1765 0.1666 -0.0051 0.0235  0.0460  7  DC  B C6    
136 P  P     . DG  B 2 ? 0.1793 0.1554 0.2164 -0.0280 0.0020  0.0398  8  DG  B P     
137 O  OP1   . DG  B 2 ? 0.1705 0.1742 0.2720 -0.0289 -0.0317 0.0616  8  DG  B OP1   
138 O  OP2   . DG  B 2 ? 0.2401 0.2578 0.1752 -0.1034 -0.0382 0.0320  8  DG  B OP2   
139 O  "O5'" . DG  B 2 ? 0.1719 0.1814 0.2406 -0.0313 -0.0616 0.0502  8  DG  B "O5'" 
140 C  "C5'" . DG  B 2 ? 0.1967 0.2012 0.2212 -0.0486 -0.0211 0.0229  8  DG  B "C5'" 
141 C  "C4'" . DG  B 2 ? 0.2069 0.1525 0.2413 -0.0343 -0.0440 0.0416  8  DG  B "C4'" 
142 O  "O4'" . DG  B 2 ? 0.2308 0.1807 0.2528 -0.0146 -0.0669 0.0499  8  DG  B "O4'" 
143 C  "C3'" . DG  B 2 ? 0.1677 0.2507 0.2651 -0.0118 -0.0606 0.0531  8  DG  B "C3'" 
144 O  "O3'" . DG  B 2 ? 0.2019 0.2613 0.2537 -0.0143 -0.0316 0.0782  8  DG  B "O3'" 
145 C  "C2'" . DG  B 2 ? 0.2522 0.2360 0.2413 -0.0375 -0.0598 0.0503  8  DG  B "C2'" 
146 C  "C1'" . DG  B 2 ? 0.1738 0.2402 0.2257 -0.0136 -0.0464 0.0334  8  DG  B "C1'" 
147 N  N9    . DG  B 2 ? 0.1337 0.2024 0.2223 0.0144  -0.0421 -0.0145 8  DG  B N9    
148 C  C8    . DG  B 2 ? 0.1907 0.2003 0.2670 -0.0136 0.0012  -0.0124 8  DG  B C8    
149 N  N7    . DG  B 2 ? 0.1579 0.2136 0.2451 0.0016  -0.0442 -0.0155 8  DG  B N7    
150 C  C5    . DG  B 2 ? 0.0989 0.2078 0.2290 -0.0011 -0.0645 -0.0159 8  DG  B C5    
151 C  C6    . DG  B 2 ? 0.1186 0.2412 0.1719 -0.0090 -0.0646 -0.0194 8  DG  B C6    
152 O  O6    . DG  B 2 ? 0.1216 0.2924 0.1577 0.0076  -0.0251 -0.0441 8  DG  B O6    
153 N  N1    . DG  B 2 ? 0.0808 0.1845 0.1499 -0.0121 -0.0353 0.0007  8  DG  B N1    
154 C  C2    . DG  B 2 ? 0.0860 0.1816 0.1551 -0.0309 -0.0543 0.0182  8  DG  B C2    
155 N  N2    . DG  B 2 ? 0.0995 0.2034 0.1922 -0.0255 -0.0341 -0.0367 8  DG  B N2    
156 N  N3    . DG  B 2 ? 0.1358 0.1692 0.1782 -0.0400 -0.0658 0.0003  8  DG  B N3    
157 C  C4    . DG  B 2 ? 0.1155 0.1749 0.2192 -0.0258 -0.0731 0.0026  8  DG  B C4    
158 P  P     . DU  B 3 ? 0.1763 0.3040 0.4014 -0.0193 -0.0228 0.0783  9  DU  B P     
159 O  OP1   . DU  B 3 ? 0.2397 0.4427 0.3805 -0.0706 -0.0353 0.1988  9  DU  B OP1   
160 O  OP2   . DU  B 3 ? 0.2287 0.2954 0.5632 -0.0420 -0.0112 0.0322  9  DU  B OP2   
161 O  "O5'" . DU  B 3 ? 0.2108 0.3313 0.2958 -0.0077 -0.0439 0.0571  9  DU  B "O5'" 
162 C  "C5'" . DU  B 3 ? 0.2918 0.2976 0.2779 -0.0143 0.0163  0.0827  9  DU  B "C5'" 
163 C  "C4'" . DU  B 3 ? 0.2848 0.3066 0.3159 -0.0244 0.0253  0.1476  9  DU  B "C4'" 
164 O  "O4'" . DU  B 3 ? 0.1964 0.3932 0.3053 -0.0156 -0.0003 0.1052  9  DU  B "O4'" 
165 C  "C3'" . DU  B 3 ? 0.2332 0.4054 0.4360 -0.0256 0.0346  0.1089  9  DU  B "C3'" 
166 O  "O3'" . DU  B 3 ? 0.3067 0.4794 0.5216 0.0458  -0.0032 0.1034  9  DU  B "O3'" 
167 C  "C2'" . DU  B 3 ? 0.2303 0.3450 0.3902 -0.0147 -0.0814 0.1614  9  DU  B "C2'" 
168 C  "C1'" . DU  B 3 ? 0.2599 0.3477 0.3860 -0.0124 -0.0995 0.1525  9  DU  B "C1'" 
169 N  N1    . DU  B 3 ? 0.2166 0.2950 0.3544 -0.0814 -0.1304 0.1102  9  DU  B N1    
170 C  C2    . DU  B 3 ? 0.1748 0.2311 0.3403 -0.0905 -0.1129 0.0726  9  DU  B C2    
171 O  O2    . DU  B 3 ? 0.1455 0.3077 0.3015 -0.0779 -0.0903 0.1195  9  DU  B O2    
172 N  N3    . DU  B 3 ? 0.1770 0.2856 0.3059 -0.0754 -0.1419 0.0357  9  DU  B N3    
173 C  C4    . DU  B 3 ? 0.2363 0.2319 0.2741 -0.1177 -0.1402 0.0248  9  DU  B C4    
174 O  O4    . DU  B 3 ? 0.2874 0.2863 0.2366 -0.0559 -0.1560 0.0031  9  DU  B O4    
175 C  C5    . DU  B 3 ? 0.2785 0.2406 0.3280 -0.1118 -0.1653 0.0430  9  DU  B C5    
176 C  C6    . DU  B 3 ? 0.2740 0.2455 0.2913 -0.0949 -0.1675 0.0870  9  DU  B C6    
177 P  P     . DA  B 4 ? 0.2664 0.4357 0.4130 0.0752  -0.0206 0.0977  10 DA  B P     
178 O  OP1   . DA  B 4 ? 0.2712 0.7578 0.3665 0.1237  -0.0985 0.0899  10 DA  B OP1   
179 O  OP2   . DA  B 4 ? 0.4504 0.3386 0.4897 -0.0145 0.1369  0.0706  10 DA  B OP2   
180 O  "O5'" . DA  B 4 ? 0.3315 0.3260 0.3781 0.0041  -0.0273 0.1313  10 DA  B "O5'" 
181 C  "C5'" . DA  B 4 ? 0.3163 0.3945 0.1733 0.0215  -0.0816 0.0151  10 DA  B "C5'" 
182 C  "C4'" . DA  B 4 ? 0.2313 0.2616 0.1835 0.0325  -0.0608 -0.0110 10 DA  B "C4'" 
183 O  "O4'" . DA  B 4 ? 0.2209 0.2513 0.1798 -0.0374 -0.0510 -0.0433 10 DA  B "O4'" 
184 C  "C3'" . DA  B 4 ? 0.2417 0.1807 0.1705 -0.0037 -0.0085 -0.0045 10 DA  B "C3'" 
185 O  "O3'" . DA  B 4 ? 0.1833 0.1858 0.1179 -0.0153 -0.0139 -0.0097 10 DA  B "O3'" 
186 C  "C2'" . DA  B 4 ? 0.2439 0.1509 0.1710 -0.0649 0.0352  0.0140  10 DA  B "C2'" 
187 C  "C1'" . DA  B 4 ? 0.1653 0.1814 0.1870 -0.0408 -0.0259 -0.0242 10 DA  B "C1'" 
188 N  N9    . DA  B 4 ? 0.1688 0.1315 0.1630 -0.0487 -0.0138 0.0180  10 DA  B N9    
189 C  C8    . DA  B 4 ? 0.1669 0.1199 0.1551 -0.0367 -0.0481 -0.0156 10 DA  B C8    
190 N  N7    . DA  B 4 ? 0.1893 0.1519 0.1937 -0.0297 -0.0235 -0.0111 10 DA  B N7    
191 C  C5    . DA  B 4 ? 0.1441 0.1892 0.1472 -0.0352 -0.0499 -0.0095 10 DA  B C5    
192 C  C6    . DA  B 4 ? 0.1438 0.1988 0.1567 -0.0495 -0.0682 -0.0556 10 DA  B C6    
193 N  N6    . DA  B 4 ? 0.1683 0.2007 0.2065 -0.0198 -0.0504 -0.0521 10 DA  B N6    
194 N  N1    . DA  B 4 ? 0.1349 0.2100 0.1691 -0.0498 -0.0342 -0.0350 10 DA  B N1    
195 C  C2    . DA  B 4 ? 0.1197 0.2151 0.1243 -0.0442 -0.0402 -0.0406 10 DA  B C2    
196 N  N3    . DA  B 4 ? 0.1409 0.1943 0.1130 -0.0595 -0.0298 0.0096  10 DA  B N3    
197 C  C4    . DA  B 4 ? 0.1142 0.1890 0.1638 -0.0335 -0.0401 0.0259  10 DA  B C4    
198 P  P     . DC  B 5 ? 0.1874 0.1563 0.1410 -0.0344 0.0115  0.0005  11 DC  B P     
199 O  OP1   . DC  B 5 ? 0.1511 0.1860 0.1770 -0.0255 0.0177  -0.0128 11 DC  B OP1   
200 O  OP2   . DC  B 5 ? 0.2360 0.1753 0.1500 -0.0559 0.0370  0.0018  11 DC  B OP2   
201 O  "O5'" . DC  B 5 ? 0.1720 0.1613 0.1278 -0.0451 -0.0055 0.0149  11 DC  B "O5'" 
202 C  "C5'" . DC  B 5 ? 0.1459 0.1396 0.1384 -0.0427 0.0107  -0.0349 11 DC  B "C5'" 
203 C  "C4'" . DC  B 5 ? 0.1213 0.1595 0.1244 -0.0156 -0.0078 -0.0038 11 DC  B "C4'" 
204 O  "O4'" . DC  B 5 ? 0.1508 0.1604 0.1142 -0.0274 -0.0324 -0.0055 11 DC  B "O4'" 
205 C  "C3'" . DC  B 5 ? 0.1564 0.1531 0.1370 -0.0472 -0.0280 -0.0047 11 DC  B "C3'" 
206 O  "O3'" . DC  B 5 ? 0.1530 0.1761 0.1711 -0.0469 -0.0279 -0.0046 11 DC  B "O3'" 
207 C  "C2'" . DC  B 5 ? 0.1535 0.1856 0.1522 -0.0537 -0.0242 -0.0155 11 DC  B "C2'" 
208 C  "C1'" . DC  B 5 ? 0.1310 0.1711 0.1647 -0.0376 -0.0292 -0.0209 11 DC  B "C1'" 
209 N  N1    . DC  B 5 ? 0.1593 0.1669 0.1622 -0.0493 -0.0393 -0.0181 11 DC  B N1    
210 C  C2    . DC  B 5 ? 0.1404 0.1556 0.1270 -0.0343 -0.0509 -0.0084 11 DC  B C2    
211 O  O2    . DC  B 5 ? 0.1344 0.1210 0.1875 -0.0337 -0.0232 -0.0133 11 DC  B O2    
212 N  N3    . DC  B 5 ? 0.1297 0.1490 0.1418 -0.0351 -0.0301 -0.0049 11 DC  B N3    
213 C  C4    . DC  B 5 ? 0.1369 0.1527 0.1448 -0.0339 -0.0181 -0.0206 11 DC  B C4    
214 N  N4    . DC  B 5 ? 0.1889 0.1536 0.1985 -0.0178 -0.0391 -0.0186 11 DC  B N4    
215 C  C5    . DC  B 5 ? 0.1630 0.1719 0.1504 -0.0236 -0.0159 -0.0062 11 DC  B C5    
216 C  C6    . DC  B 5 ? 0.1769 0.1549 0.1470 -0.0447 -0.0288 -0.0300 11 DC  B C6    
217 P  P     . DG  B 6 ? 0.1530 0.2116 0.1789 0.0038  -0.0258 -0.0110 12 DG  B P     
218 O  OP1   . DG  B 6 ? 0.1803 0.2095 0.3385 -0.0038 0.0064  0.0066  12 DG  B OP1   
219 O  OP2   . DG  B 6 ? 0.1283 0.1931 0.2590 -0.0237 -0.0083 -0.0415 12 DG  B OP2   
220 O  "O5'" . DG  B 6 ? 0.2208 0.2893 0.2249 0.0132  -0.0351 -0.0129 12 DG  B "O5'" 
221 C  "C5'" . DG  B 6 ? 0.2679 0.2296 0.2987 -0.0023 -0.1235 -0.0883 12 DG  B "C5'" 
222 C  "C4'" . DG  B 6 ? 0.2075 0.1339 0.2883 0.0200  -0.0888 -0.0179 12 DG  B "C4'" 
223 O  "O4'" . DG  B 6 ? 0.1706 0.1554 0.2151 0.0093  -0.0721 -0.0164 12 DG  B "O4'" 
224 C  "C3'" . DG  B 6 ? 0.2391 0.1754 0.2645 0.0700  -0.0879 -0.0463 12 DG  B "C3'" 
225 O  "O3'" . DG  B 6 ? 0.2750 0.1852 0.2503 0.0672  -0.0765 -0.0192 12 DG  B "O3'" 
226 C  "C2'" . DG  B 6 ? 0.1630 0.2053 0.2274 0.0221  -0.0072 -0.0247 12 DG  B "C2'" 
227 C  "C1'" . DG  B 6 ? 0.1522 0.1503 0.2634 0.0100  -0.0496 -0.0500 12 DG  B "C1'" 
228 N  N9    . DG  B 6 ? 0.1243 0.1552 0.1568 -0.0208 -0.0104 -0.0207 12 DG  B N9    
229 C  C8    . DG  B 6 ? 0.1320 0.2103 0.1620 -0.0205 -0.0273 -0.0305 12 DG  B C8    
230 N  N7    . DG  B 6 ? 0.1433 0.1699 0.1612 -0.0424 0.0124  0.0030  12 DG  B N7    
231 C  C5    . DG  B 6 ? 0.1244 0.1675 0.1265 -0.0261 -0.0338 -0.0148 12 DG  B C5    
232 C  C6    . DG  B 6 ? 0.1678 0.1300 0.1139 -0.0408 -0.0181 -0.0213 12 DG  B C6    
233 O  O6    . DG  B 6 ? 0.1529 0.1545 0.1312 -0.0353 -0.0055 -0.0138 12 DG  B O6    
234 N  N1    . DG  B 6 ? 0.1420 0.1303 0.0925 -0.0282 -0.0401 -0.0113 12 DG  B N1    
235 C  C2    . DG  B 6 ? 0.1061 0.1127 0.1245 -0.0425 -0.0462 -0.0079 12 DG  B C2    
236 N  N2    . DG  B 6 ? 0.1189 0.1891 0.1287 -0.0559 -0.0328 0.0147  12 DG  B N2    
237 N  N3    . DG  B 6 ? 0.1168 0.1299 0.1538 -0.0261 -0.0270 -0.0122 12 DG  B N3    
238 C  C4    . DG  B 6 ? 0.1169 0.1389 0.1122 -0.0041 -0.0394 -0.0078 12 DG  B C4    
239 C  C1    . DA5 C . ? 0.1772 0.2629 0.3003 -0.0399 -0.0020 -0.0992 14 DA5 A C1    
240 C  C2    . DA5 C . ? 0.1832 0.1937 0.3281 -0.0619 -0.0117 -0.0564 14 DA5 A C2    
241 C  C3    . DA5 C . ? 0.1848 0.2502 0.3331 -0.0776 -0.0438 -0.0481 14 DA5 A C3    
242 C  C4    . DA5 C . ? 0.2186 0.2051 0.2250 -0.0529 -0.0616 -0.0584 14 DA5 A C4    
243 C  C5    . DA5 C . ? 0.2274 0.2124 0.1772 -0.0343 -0.0868 -0.0025 14 DA5 A C5    
244 C  C6    . DA5 C . ? 0.1920 0.1872 0.2144 -0.0782 -0.0276 -0.0567 14 DA5 A C6    
245 C  C7    . DA5 C . ? 0.2208 0.1663 0.1783 -0.0642 -0.0174 -0.0310 14 DA5 A C7    
246 C  C8    . DA5 C . ? 0.1526 0.2366 0.1791 -0.0229 -0.0368 -0.0652 14 DA5 A C8    
247 C  C9    . DA5 C . ? 0.1260 0.2109 0.2056 -0.0563 -0.0450 -0.0397 14 DA5 A C9    
248 N  N9    . DA5 C . ? 0.1883 0.1809 0.1980 -0.0180 -0.0382 -0.0397 14 DA5 A N9    
249 N  N10   . DA5 C . ? 0.2129 0.2156 0.1941 -0.0483 -0.0808 -0.0390 14 DA5 A N10   
250 C  C11   . DA5 C . ? 0.1520 0.1887 0.2326 -0.0547 -0.0667 -0.0378 14 DA5 A C11   
251 C  C12   . DA5 C . ? 0.1890 0.1922 0.2856 -0.0775 -0.0764 -0.0761 14 DA5 A C12   
252 C  C13   . DA5 C . ? 0.1353 0.2009 0.2259 -0.0587 -0.0565 -0.0455 14 DA5 A C13   
253 C  C14   . DA5 C . ? 0.2064 0.1944 0.1673 -0.0691 -0.0770 -0.0642 14 DA5 A C14   
254 BR BR    . DA5 C . ? 0.4867 0.3682 0.3802 -0.1676 -0.1565 0.0545  14 DA5 A BR    
255 C  CD1   . DA5 C . ? 0.3035 0.2868 0.2351 -0.0246 -0.1079 -0.0274 14 DA5 A CD1   
256 O  OD1   . DA5 C . ? 0.2722 0.3323 0.1963 -0.1500 -0.1365 -0.0065 14 DA5 A OD1   
257 N  ND1   . DA5 C . ? 0.3103 0.3186 0.3101 0.0075  -0.1018 -0.0437 14 DA5 A ND1   
258 C  CD2   . DA5 C . ? 0.4993 0.2847 0.3203 0.0131  -0.1666 -0.0395 14 DA5 A CD2   
259 C  CD3   . DA5 C . ? 0.4601 0.2913 0.5387 0.0682  -0.1415 0.1409  14 DA5 A CD3   
260 N  ND2   . DA5 C . ? 0.4919 0.3686 0.6310 -0.0030 -0.1190 0.0192  14 DA5 A ND2   
261 C  CD7   . DA5 C . ? 0.7069 0.3201 0.7407 0.1330  -0.3041 -0.0318 14 DA5 A CD7   
262 C  CD8   . DA5 C . ? 0.4556 0.5375 0.6400 0.0482  -0.1199 0.0774  14 DA5 A CD8   
263 BR BR    . BR  D . ? 0.4418 1.2427 0.3791 -0.1140 -0.0319 -0.1367 15 BR  A BR    
264 C  C1    . DA5 E . ? 0.1929 0.2122 0.3255 0.0097  -0.0747 -0.0015 13 DA5 B C1    
265 C  C2    . DA5 E . ? 0.1608 0.2302 0.2795 -0.0169 -0.0390 -0.0240 13 DA5 B C2    
266 C  C3    . DA5 E . ? 0.1788 0.2845 0.2817 -0.0277 -0.0550 -0.0038 13 DA5 B C3    
267 C  C4    . DA5 E . ? 0.1332 0.2890 0.1808 -0.0050 -0.0634 -0.0346 13 DA5 B C4    
268 C  C5    . DA5 E . ? 0.1742 0.2749 0.1685 -0.0505 -0.0279 -0.0282 13 DA5 B C5    
269 C  C6    . DA5 E . ? 0.1492 0.2308 0.2496 -0.0293 -0.0465 -0.0206 13 DA5 B C6    
270 C  C7    . DA5 E . ? 0.1954 0.2027 0.1881 -0.0435 -0.0228 -0.0172 13 DA5 B C7    
271 C  C8    . DA5 E . ? 0.1670 0.1820 0.1996 0.0011  -0.0976 -0.0280 13 DA5 B C8    
272 C  C9    . DA5 E . ? 0.1484 0.2001 0.1658 -0.0303 -0.0594 -0.0180 13 DA5 B C9    
273 N  N9    . DA5 E . ? 0.1789 0.2076 0.1805 -0.0032 -0.0257 -0.0330 13 DA5 B N9    
274 N  N10   . DA5 E . ? 0.1116 0.2857 0.1975 -0.0199 -0.0582 -0.0272 13 DA5 B N10   
275 C  C11   . DA5 E . ? 0.1194 0.2252 0.2142 -0.0311 -0.0429 -0.0384 13 DA5 B C11   
276 C  C12   . DA5 E . ? 0.0912 0.2653 0.2858 -0.0277 -0.0517 -0.0562 13 DA5 B C12   
277 C  C13   . DA5 E . ? 0.1207 0.2274 0.1719 -0.0174 -0.0561 -0.0352 13 DA5 B C13   
278 C  C14   . DA5 E . ? 0.1106 0.2781 0.1537 -0.0104 -0.0744 -0.0013 13 DA5 B C14   
279 BR BR    . DA5 E . ? 0.2791 0.6412 0.3184 -0.1182 -0.0337 -0.0453 13 DA5 B BR    
280 C  CD1   . DA5 E . ? 0.2151 0.3485 0.1439 0.0133  -0.0667 -0.0641 13 DA5 B CD1   
281 O  OD1   . DA5 E . ? 0.1579 0.4937 0.1309 -0.1502 -0.0810 0.0489  13 DA5 B OD1   
282 N  ND1   . DA5 E . ? 0.2580 0.3513 0.3464 0.0299  -0.0734 -0.1148 13 DA5 B ND1   
283 C  CD2   . DA5 E . ? 0.3786 0.4737 0.3740 0.0661  -0.0546 -0.2104 13 DA5 B CD2   
284 C  CD3   . DA5 E . ? 0.3328 0.5013 0.3581 0.0210  0.0120  -0.2396 13 DA5 B CD3   
285 N  ND2   . DA5 E . ? 0.3363 0.4898 0.4362 0.0344  0.0034  -0.1745 13 DA5 B ND2   
286 C  CD7   . DA5 E . ? 0.4412 0.4155 0.4009 -0.0188 -0.0585 -0.1535 13 DA5 B CD7   
287 C  CD8   . DA5 E . ? 0.4362 0.4980 0.5372 0.0739  -0.0741 -0.2831 13 DA5 B CD8   
288 C  C1    A DA5 F . ? 0.1195 0.1945 0.1451 0.0382  -0.0604 -0.1318 15 DA5 B C1    
289 C  C1    B DA5 F . ? 0.1526 0.0981 0.1840 0.0429  -0.1344 -0.0325 15 DA5 B C1    
290 C  C2    A DA5 F . ? 0.1217 0.2360 0.1909 0.0633  -0.0926 -0.1028 15 DA5 B C2    
291 C  C2    B DA5 F . ? 0.1745 0.1327 0.2044 0.0383  -0.1572 -0.0713 15 DA5 B C2    
292 C  C3    A DA5 F . ? 0.1574 0.2049 0.2100 0.0590  -0.0954 -0.1020 15 DA5 B C3    
293 C  C3    B DA5 F . ? 0.1621 0.1830 0.2113 0.0567  -0.1021 -0.1068 15 DA5 B C3    
294 C  C4    A DA5 F . ? 0.1853 0.1720 0.1149 0.0430  -0.1303 -0.0701 15 DA5 B C4    
295 C  C4    B DA5 F . ? 0.1647 0.2042 0.1053 0.0465  -0.1058 -0.0817 15 DA5 B C4    
296 C  C5    A DA5 F . ? 0.1304 0.1505 0.0642 -0.0244 -0.0522 -0.0053 15 DA5 B C5    
297 C  C5    B DA5 F . ? 0.1234 0.1621 0.0299 0.0026  -0.0574 -0.0197 15 DA5 B C5    
298 C  C6    A DA5 F . ? 0.1203 0.1555 0.0953 -0.0272 -0.0402 -0.0034 15 DA5 B C6    
299 C  C6    B DA5 F . ? 0.0989 0.1647 0.1013 -0.0044 -0.0244 -0.0006 15 DA5 B C6    
300 C  C7    A DA5 F . ? 0.1492 0.1392 0.0779 0.0082  -0.0421 0.0213  15 DA5 B C7    
301 C  C7    B DA5 F . ? 0.1698 0.1640 0.0521 -0.0061 -0.0013 -0.0102 15 DA5 B C7    
302 C  C8    A DA5 F . ? 0.1605 0.1405 0.0620 0.0226  -0.0548 0.0031  15 DA5 B C8    
303 C  C8    B DA5 F . ? 0.1167 0.1425 0.0717 -0.0248 -0.0125 -0.0399 15 DA5 B C8    
304 C  C9    A DA5 F . ? 0.1327 0.2035 0.0694 0.0737  -0.0708 -0.0797 15 DA5 B C9    
305 C  C9    B DA5 F . ? 0.1917 0.1319 0.1092 0.0542  -0.1140 -0.0443 15 DA5 B C9    
306 N  N10   A DA5 F . ? 0.1459 0.1636 0.0722 0.0044  -0.0893 -0.0321 15 DA5 B N10   
307 N  N10   B DA5 F . ? 0.1205 0.1711 0.0433 0.0204  -0.0713 -0.0250 15 DA5 B N10   
308 C  C11   A DA5 F . ? 0.0957 0.1673 0.1313 0.0141  -0.0519 -0.0657 15 DA5 B C11   
309 C  C11   B DA5 F . ? 0.1337 0.1077 0.1456 0.0095  -0.0892 -0.0138 15 DA5 B C11   
310 C  C12   A DA5 F . ? 0.1264 0.1538 0.1375 0.0159  -0.0760 -0.0601 15 DA5 B C12   
311 C  C12   B DA5 F . ? 0.1211 0.1455 0.1350 0.0251  -0.0856 -0.0358 15 DA5 B C12   
312 C  C13   A DA5 F . ? 0.1161 0.1412 0.0475 0.0104  -0.0355 -0.0294 15 DA5 B C13   
313 C  C13   B DA5 F . ? 0.1081 0.1267 0.0585 0.0054  -0.0371 -0.0139 15 DA5 B C13   
314 C  C14   A DA5 F . ? 0.1433 0.1690 0.0737 0.0123  -0.0694 -0.0153 15 DA5 B C14   
315 C  C14   B DA5 F . ? 0.1547 0.1426 0.0723 -0.0036 -0.0468 -0.0398 15 DA5 B C14   
316 BR BR    A DA5 F . ? 0.2755 0.3304 0.2081 -0.0855 -0.0162 0.0264  15 DA5 B BR    
317 BR BR    B DA5 F . ? 0.2650 0.3421 0.2184 -0.0950 -0.0503 0.0652  15 DA5 B BR    
318 BR BR    . BR  G . ? 0.9198 0.5475 0.6201 -0.1364 -0.3813 0.0650  16 BR  B BR    
# 
